data_7EQE
#
_entry.id   7EQE
#
_cell.length_a   163.790
_cell.length_b   53.130
_cell.length_c   102.940
_cell.angle_alpha   90.000
_cell.angle_beta   104.500
_cell.angle_gamma   90.000
#
_symmetry.space_group_name_H-M   'C 1 2 1'
#
_entity_poly.entity_id   1
_entity_poly.type   'polypeptide(L)'
_entity_poly.pdbx_seq_one_letter_code
;(MSE)GHHHHHH(MSE)GGTPHVRGANTRDKIQSVALELFIERGYEKTS(MSE)REIAEGLGITKAALYYHFKAKEEILV
AISQGLGGPVDELVAWARTQPRTLETKREVLRRYSEAL(MSE)GAAPLFRI(MSE)QESGAALRTLGIGQTLNDRIAAIG
EL(MSE)YQDGASVRSQVRISDALASVHFGAFFLSAIEGDPEEKRKALLESALETLDSSAEEDL
;
_entity_poly.pdbx_strand_id   A,B,C,D
#
# COMPACT_ATOMS: atom_id res chain seq x y z
N ALA A 18 -23.86 -24.38 6.49
CA ALA A 18 -24.44 -24.90 5.27
C ALA A 18 -23.57 -25.99 4.66
N ASN A 19 -24.18 -27.14 4.37
CA ASN A 19 -23.42 -28.23 3.75
C ASN A 19 -23.06 -27.91 2.32
N THR A 20 -23.93 -27.20 1.59
CA THR A 20 -23.59 -26.77 0.25
C THR A 20 -22.43 -25.78 0.24
N ARG A 21 -22.32 -24.96 1.29
CA ARG A 21 -21.24 -23.99 1.35
C ARG A 21 -19.89 -24.68 1.48
N ASP A 22 -19.82 -25.76 2.27
CA ASP A 22 -18.56 -26.50 2.40
C ASP A 22 -18.23 -27.24 1.12
N LYS A 23 -19.25 -27.74 0.41
CA LYS A 23 -19.00 -28.48 -0.82
C LYS A 23 -18.41 -27.59 -1.90
N ILE A 24 -18.76 -26.30 -1.90
CA ILE A 24 -18.17 -25.37 -2.85
C ILE A 24 -16.69 -25.18 -2.55
N GLN A 25 -16.34 -25.04 -1.28
CA GLN A 25 -14.94 -24.83 -0.91
C GLN A 25 -14.08 -26.03 -1.24
N SER A 26 -14.63 -27.24 -1.06
CA SER A 26 -13.88 -28.45 -1.37
C SER A 26 -13.61 -28.56 -2.86
N VAL A 27 -14.65 -28.37 -3.67
CA VAL A 27 -14.48 -28.43 -5.12
C VAL A 27 -13.56 -27.32 -5.60
N ALA A 28 -13.66 -26.14 -4.98
CA ALA A 28 -12.79 -25.03 -5.35
C ALA A 28 -11.33 -25.34 -5.00
N LEU A 29 -11.09 -25.89 -3.80
CA LEU A 29 -9.73 -26.20 -3.39
C LEU A 29 -9.10 -27.24 -4.32
N GLU A 30 -9.87 -28.25 -4.72
CA GLU A 30 -9.36 -29.25 -5.64
C GLU A 30 -8.98 -28.62 -6.98
N LEU A 31 -9.83 -27.71 -7.49
CA LEU A 31 -9.51 -27.03 -8.73
C LEU A 31 -8.38 -26.03 -8.55
N PHE A 32 -8.31 -25.40 -7.37
CA PHE A 32 -7.20 -24.48 -7.08
C PHE A 32 -5.86 -25.21 -7.17
N ILE A 33 -5.79 -26.44 -6.65
CA ILE A 33 -4.55 -27.21 -6.67
C ILE A 33 -4.27 -27.75 -8.06
N GLU A 34 -5.31 -28.25 -8.74
CA GLU A 34 -5.10 -28.97 -9.99
C GLU A 34 -4.58 -28.05 -11.09
N ARG A 35 -5.26 -26.92 -11.32
CA ARG A 35 -4.93 -26.03 -12.43
C ARG A 35 -4.52 -24.63 -12.02
N GLY A 36 -4.68 -24.26 -10.77
CA GLY A 36 -4.25 -22.95 -10.33
C GLY A 36 -5.43 -22.08 -9.92
N TYR A 37 -5.18 -21.20 -8.94
CA TYR A 37 -6.22 -20.31 -8.46
C TYR A 37 -6.61 -19.28 -9.51
N GLU A 38 -5.62 -18.69 -10.21
CA GLU A 38 -5.93 -17.69 -11.22
C GLU A 38 -6.48 -18.34 -12.48
N LYS A 39 -6.01 -19.53 -12.83
CA LYS A 39 -6.45 -20.20 -14.05
C LYS A 39 -7.91 -20.63 -13.94
N THR A 40 -8.31 -21.15 -12.79
CA THR A 40 -9.69 -21.58 -12.61
C THR A 40 -10.60 -20.36 -12.48
N SER A 41 -11.88 -20.56 -12.79
CA SER A 41 -12.87 -19.51 -12.78
C SER A 41 -14.14 -19.98 -12.08
N ARG A 43 -16.92 -20.13 -13.44
CA ARG A 43 -17.56 -21.01 -14.41
C ARG A 43 -17.13 -22.46 -14.21
N GLU A 44 -15.84 -22.67 -13.93
CA GLU A 44 -15.35 -24.04 -13.74
C GLU A 44 -15.73 -24.59 -12.36
N ILE A 45 -15.92 -23.73 -11.37
CA ILE A 45 -16.27 -24.21 -10.04
C ILE A 45 -17.73 -24.60 -9.97
N ALA A 46 -18.62 -23.84 -10.63
CA ALA A 46 -20.03 -24.19 -10.64
C ALA A 46 -20.27 -25.46 -11.46
N GLU A 47 -19.58 -25.61 -12.59
CA GLU A 47 -19.75 -26.81 -13.41
C GLU A 47 -19.22 -28.05 -12.70
N GLY A 48 -18.16 -27.91 -11.89
CA GLY A 48 -17.61 -29.06 -11.20
C GLY A 48 -18.54 -29.60 -10.13
N LEU A 49 -19.25 -28.71 -9.44
CA LEU A 49 -20.17 -29.15 -8.40
C LEU A 49 -21.50 -29.64 -8.99
N GLY A 50 -21.89 -29.09 -10.14
CA GLY A 50 -23.17 -29.43 -10.73
C GLY A 50 -24.29 -28.46 -10.45
N ILE A 51 -23.99 -27.25 -9.99
CA ILE A 51 -24.99 -26.24 -9.72
C ILE A 51 -24.86 -25.12 -10.75
N THR A 52 -25.83 -24.21 -10.74
CA THR A 52 -25.84 -23.12 -11.71
C THR A 52 -24.95 -21.97 -11.24
N LYS A 53 -24.65 -21.08 -12.19
CA LYS A 53 -23.87 -19.89 -11.86
C LYS A 53 -24.57 -19.06 -10.80
N ALA A 54 -25.89 -18.89 -10.92
CA ALA A 54 -26.63 -18.10 -9.94
C ALA A 54 -26.61 -18.76 -8.56
N ALA A 55 -26.64 -20.09 -8.52
CA ALA A 55 -26.56 -20.78 -7.24
C ALA A 55 -25.18 -20.60 -6.61
N LEU A 56 -24.13 -20.55 -7.43
CA LEU A 56 -22.78 -20.35 -6.90
C LEU A 56 -22.61 -18.95 -6.33
N TYR A 57 -23.11 -17.93 -7.04
CA TYR A 57 -22.95 -16.55 -6.57
C TYR A 57 -23.81 -16.25 -5.36
N TYR A 58 -24.85 -17.05 -5.09
CA TYR A 58 -25.66 -16.85 -3.90
C TYR A 58 -24.85 -17.13 -2.64
N HIS A 59 -23.96 -18.11 -2.68
CA HIS A 59 -23.14 -18.45 -1.53
C HIS A 59 -21.86 -17.63 -1.44
N PHE A 60 -21.29 -17.27 -2.59
CA PHE A 60 -20.04 -16.51 -2.62
C PHE A 60 -20.10 -15.50 -3.76
N LYS A 61 -19.88 -14.22 -3.42
CA LYS A 61 -20.01 -13.15 -4.41
C LYS A 61 -18.87 -13.13 -5.40
N ALA A 62 -17.70 -13.66 -5.04
CA ALA A 62 -16.56 -13.69 -5.95
C ALA A 62 -15.65 -14.86 -5.58
N LYS A 63 -14.73 -15.17 -6.50
CA LYS A 63 -13.78 -16.24 -6.27
C LYS A 63 -12.91 -15.97 -5.05
N GLU A 64 -12.63 -14.69 -4.78
CA GLU A 64 -11.81 -14.34 -3.62
C GLU A 64 -12.49 -14.71 -2.31
N GLU A 65 -13.83 -14.65 -2.27
CA GLU A 65 -14.53 -14.97 -1.02
C GLU A 65 -14.45 -16.45 -0.70
N ILE A 66 -14.33 -17.31 -1.71
CA ILE A 66 -14.13 -18.73 -1.46
C ILE A 66 -12.74 -18.98 -0.89
N LEU A 67 -11.73 -18.28 -1.43
CA LEU A 67 -10.37 -18.43 -0.92
C LEU A 67 -10.27 -17.95 0.53
N VAL A 68 -10.98 -16.89 0.87
CA VAL A 68 -10.99 -16.42 2.25
C VAL A 68 -11.67 -17.43 3.15
N ALA A 69 -12.78 -18.01 2.70
CA ALA A 69 -13.47 -19.01 3.51
C ALA A 69 -12.65 -20.28 3.66
N ILE A 70 -11.83 -20.63 2.66
CA ILE A 70 -10.98 -21.81 2.76
C ILE A 70 -9.93 -21.63 3.85
N SER A 71 -9.32 -20.46 3.91
CA SER A 71 -8.28 -20.15 4.89
C SER A 71 -8.84 -19.70 6.24
N GLN A 72 -10.15 -19.82 6.45
CA GLN A 72 -10.80 -19.29 7.64
C GLN A 72 -10.80 -20.31 8.76
N GLY A 73 -10.63 -19.83 9.99
CA GLY A 73 -10.69 -20.68 11.17
C GLY A 73 -9.47 -21.55 11.38
N LEU A 74 -8.69 -21.76 10.32
CA LEU A 74 -7.53 -22.65 10.39
C LEU A 74 -6.39 -22.04 11.21
N GLY A 75 -6.35 -20.72 11.35
CA GLY A 75 -5.31 -20.04 12.09
C GLY A 75 -5.60 -19.75 13.55
N GLY A 76 -6.74 -20.19 14.05
CA GLY A 76 -7.10 -20.01 15.44
C GLY A 76 -6.13 -20.61 16.44
N PRO A 77 -5.76 -21.88 16.26
CA PRO A 77 -4.82 -22.51 17.20
C PRO A 77 -3.47 -21.80 17.32
N VAL A 78 -3.08 -21.00 16.32
CA VAL A 78 -1.79 -20.30 16.40
C VAL A 78 -1.84 -19.22 17.48
N ASP A 79 -2.91 -18.42 17.50
CA ASP A 79 -3.05 -17.40 18.53
C ASP A 79 -3.11 -18.03 19.91
N GLU A 80 -3.78 -19.17 20.04
CA GLU A 80 -3.80 -19.90 21.30
C GLU A 80 -2.41 -20.41 21.67
N LEU A 81 -1.59 -20.75 20.67
CA LEU A 81 -0.24 -21.23 20.96
C LEU A 81 0.63 -20.11 21.52
N VAL A 82 0.48 -18.89 20.99
CA VAL A 82 1.27 -17.75 21.47
C VAL A 82 0.90 -17.41 22.91
N ALA A 83 -0.40 -17.31 23.19
CA ALA A 83 -0.85 -17.00 24.55
C ALA A 83 -0.43 -18.08 25.53
N TRP A 84 -0.40 -19.34 25.09
CA TRP A 84 0.07 -20.42 25.94
C TRP A 84 1.58 -20.39 26.13
N ALA A 85 2.32 -19.85 25.16
CA ALA A 85 3.77 -19.82 25.26
C ALA A 85 4.24 -18.79 26.28
N ARG A 86 3.51 -17.67 26.43
CA ARG A 86 3.84 -16.69 27.45
C ARG A 86 3.50 -17.17 28.86
N THR A 87 3.05 -18.42 28.99
CA THR A 87 2.64 -19.01 30.26
C THR A 87 3.63 -20.06 30.75
N GLN A 88 4.46 -20.61 29.87
CA GLN A 88 5.38 -21.71 30.12
C GLN A 88 6.75 -21.20 30.54
N PRO A 89 7.52 -22.02 31.26
CA PRO A 89 8.91 -21.64 31.55
C PRO A 89 9.78 -21.77 30.32
N ARG A 90 10.81 -20.93 30.26
CA ARG A 90 11.73 -20.90 29.12
C ARG A 90 12.73 -22.05 29.24
N THR A 91 12.21 -23.26 29.01
CA THR A 91 12.99 -24.49 29.08
C THR A 91 12.95 -25.19 27.72
N LEU A 92 13.83 -26.18 27.57
CA LEU A 92 13.93 -26.90 26.30
C LEU A 92 12.70 -27.76 26.06
N GLU A 93 12.08 -28.29 27.12
CA GLU A 93 10.84 -29.04 26.96
C GLU A 93 9.71 -28.14 26.47
N THR A 94 9.70 -26.87 26.88
CA THR A 94 8.71 -25.94 26.38
C THR A 94 8.90 -25.68 24.89
N LYS A 95 10.12 -25.31 24.49
CA LYS A 95 10.41 -25.11 23.07
C LYS A 95 10.04 -26.34 22.26
N ARG A 96 10.29 -27.53 22.81
CA ARG A 96 9.93 -28.76 22.13
C ARG A 96 8.43 -28.88 21.94
N GLU A 97 7.64 -28.35 22.89
CA GLU A 97 6.20 -28.51 22.83
C GLU A 97 5.54 -27.50 21.90
N VAL A 98 6.05 -26.27 21.83
CA VAL A 98 5.49 -25.32 20.87
C VAL A 98 5.83 -25.76 19.45
N LEU A 99 6.94 -26.49 19.28
CA LEU A 99 7.29 -27.03 17.97
C LEU A 99 6.25 -28.06 17.54
N ARG A 100 5.89 -28.97 18.44
CA ARG A 100 4.89 -29.98 18.13
C ARG A 100 3.50 -29.37 17.93
N ARG A 101 3.19 -28.30 18.66
CA ARG A 101 1.89 -27.66 18.54
C ARG A 101 1.82 -26.75 17.31
N TYR A 102 2.92 -26.11 16.94
CA TYR A 102 2.93 -25.32 15.72
C TYR A 102 2.79 -26.21 14.49
N SER A 103 3.38 -27.42 14.54
CA SER A 103 3.22 -28.36 13.44
C SER A 103 1.76 -28.79 13.28
N GLU A 104 1.08 -29.05 14.40
CA GLU A 104 -0.34 -29.40 14.34
C GLU A 104 -1.17 -28.26 13.79
N ALA A 105 -0.80 -27.02 14.10
CA ALA A 105 -1.58 -25.87 13.65
C ALA A 105 -1.54 -25.72 12.14
N LEU A 106 -0.51 -26.25 11.48
CA LEU A 106 -0.38 -26.17 10.03
C LEU A 106 -0.82 -27.45 9.32
N GLY A 108 -3.84 -28.61 8.44
CA GLY A 108 -4.79 -28.35 7.39
C GLY A 108 -4.44 -27.21 6.45
N ALA A 109 -3.38 -26.45 6.73
CA ALA A 109 -3.03 -25.32 5.89
C ALA A 109 -2.02 -25.67 4.80
N ALA A 110 -1.64 -26.93 4.66
CA ALA A 110 -0.68 -27.30 3.63
C ALA A 110 -1.20 -27.08 2.21
N PRO A 111 -2.44 -27.45 1.86
CA PRO A 111 -2.91 -27.12 0.49
C PRO A 111 -3.06 -25.63 0.27
N LEU A 112 -3.43 -24.86 1.29
CA LEU A 112 -3.56 -23.42 1.13
C LEU A 112 -2.22 -22.78 0.82
N PHE A 113 -1.15 -23.22 1.51
CA PHE A 113 0.16 -22.66 1.26
C PHE A 113 0.67 -23.01 -0.13
N ARG A 114 0.20 -24.13 -0.69
CA ARG A 114 0.55 -24.46 -2.06
C ARG A 114 -0.11 -23.49 -3.03
N ILE A 115 -1.32 -23.04 -2.72
CA ILE A 115 -2.02 -22.10 -3.60
C ILE A 115 -1.29 -20.76 -3.61
N GLN A 117 1.77 -20.22 -3.20
CA GLN A 117 3.04 -20.35 -3.91
C GLN A 117 2.83 -20.24 -5.42
N GLU A 118 1.80 -20.90 -5.95
CA GLU A 118 1.58 -20.99 -7.39
C GLU A 118 0.69 -19.89 -7.94
N SER A 119 0.33 -18.90 -7.11
CA SER A 119 -0.58 -17.84 -7.55
C SER A 119 -0.24 -16.57 -6.78
N GLY A 120 0.28 -15.56 -7.49
CA GLY A 120 0.54 -14.28 -6.85
C GLY A 120 -0.73 -13.55 -6.47
N ALA A 121 -1.82 -13.81 -7.19
CA ALA A 121 -3.10 -13.20 -6.85
C ALA A 121 -3.67 -13.77 -5.56
N ALA A 122 -3.51 -15.08 -5.36
CA ALA A 122 -3.94 -15.68 -4.09
C ALA A 122 -3.07 -15.21 -2.94
N LEU A 123 -1.76 -15.07 -3.19
CA LEU A 123 -0.87 -14.59 -2.14
C LEU A 123 -1.19 -13.15 -1.76
N ARG A 124 -1.50 -12.31 -2.76
CA ARG A 124 -1.86 -10.93 -2.47
C ARG A 124 -3.23 -10.83 -1.78
N THR A 125 -4.17 -11.72 -2.14
CA THR A 125 -5.51 -11.65 -1.57
C THR A 125 -5.48 -11.94 -0.08
N LEU A 126 -4.91 -13.09 0.31
CA LEU A 126 -4.83 -13.43 1.72
C LEU A 126 -3.81 -12.55 2.44
N GLY A 127 -2.60 -12.46 1.89
CA GLY A 127 -1.54 -11.71 2.53
C GLY A 127 -0.62 -12.58 3.35
N ILE A 128 0.67 -12.63 2.98
CA ILE A 128 1.60 -13.48 3.71
C ILE A 128 1.95 -12.87 5.06
N GLY A 129 1.93 -11.54 5.16
CA GLY A 129 2.25 -10.90 6.42
C GLY A 129 1.18 -11.11 7.48
N GLN A 130 -0.09 -11.01 7.08
CA GLN A 130 -1.17 -11.17 8.04
C GLN A 130 -1.42 -12.63 8.38
N THR A 131 -1.15 -13.53 7.44
CA THR A 131 -1.33 -14.97 7.65
C THR A 131 0.01 -15.56 8.09
N LEU A 132 0.22 -15.64 9.42
CA LEU A 132 1.34 -16.38 10.00
C LEU A 132 2.68 -15.79 9.60
N ASN A 133 2.89 -14.53 9.96
CA ASN A 133 4.20 -13.89 9.81
C ASN A 133 4.51 -13.10 11.07
N ASP A 134 3.55 -12.32 11.55
CA ASP A 134 3.68 -11.70 12.87
C ASP A 134 3.72 -12.76 13.96
N ARG A 135 2.98 -13.85 13.79
CA ARG A 135 2.96 -14.91 14.79
C ARG A 135 4.26 -15.71 14.77
N ILE A 136 4.86 -15.89 13.60
CA ILE A 136 6.17 -16.54 13.53
C ILE A 136 7.21 -15.69 14.25
N ALA A 137 7.12 -14.36 14.11
CA ALA A 137 8.00 -13.48 14.86
C ALA A 137 7.71 -13.57 16.36
N ALA A 138 6.45 -13.74 16.74
CA ALA A 138 6.11 -13.89 18.14
C ALA A 138 6.56 -15.23 18.69
N ILE A 139 6.37 -16.30 17.92
CA ILE A 139 6.85 -17.62 18.34
C ILE A 139 8.37 -17.62 18.49
N GLY A 140 9.06 -16.95 17.57
CA GLY A 140 10.51 -16.88 17.65
C GLY A 140 11.00 -16.12 18.87
N GLU A 141 10.23 -15.16 19.35
CA GLU A 141 10.63 -14.40 20.54
C GLU A 141 10.54 -15.28 21.79
N LEU A 142 9.50 -16.10 21.91
CA LEU A 142 9.48 -17.08 22.99
C LEU A 142 10.50 -18.19 22.74
N TYR A 144 13.48 -17.61 21.34
CA TYR A 144 14.80 -17.01 21.52
C TYR A 144 15.32 -17.26 22.92
N GLN A 145 16.51 -17.84 23.02
CA GLN A 145 17.18 -18.10 24.28
C GLN A 145 18.19 -16.97 24.52
N ASP A 146 17.88 -16.08 25.46
CA ASP A 146 18.73 -14.92 25.70
C ASP A 146 20.08 -15.36 26.26
N GLY A 147 21.15 -14.84 25.70
CA GLY A 147 22.50 -15.15 26.16
C GLY A 147 23.08 -16.45 25.65
N ALA A 148 22.36 -17.16 24.78
CA ALA A 148 22.87 -18.43 24.27
C ALA A 148 23.92 -18.17 23.18
N SER A 149 24.69 -19.21 22.89
CA SER A 149 25.73 -19.11 21.88
C SER A 149 25.11 -18.94 20.49
N VAL A 150 25.95 -18.52 19.55
CA VAL A 150 25.50 -18.37 18.17
C VAL A 150 25.08 -19.73 17.60
N ARG A 151 25.83 -20.78 17.94
CA ARG A 151 25.48 -22.12 17.48
C ARG A 151 24.11 -22.55 18.00
N SER A 152 23.85 -22.32 19.28
CA SER A 152 22.55 -22.69 19.84
C SER A 152 21.42 -21.86 19.24
N GLN A 153 21.63 -20.55 19.11
CA GLN A 153 20.58 -19.68 18.61
C GLN A 153 20.24 -20.01 17.16
N VAL A 154 21.24 -20.35 16.35
CA VAL A 154 21.01 -20.70 14.96
C VAL A 154 20.20 -22.00 14.87
N ARG A 155 20.56 -22.99 15.69
CA ARG A 155 19.87 -24.28 15.64
C ARG A 155 18.45 -24.19 16.18
N ILE A 156 18.21 -23.31 17.15
CA ILE A 156 16.84 -23.09 17.61
C ILE A 156 16.00 -22.49 16.50
N SER A 157 16.53 -21.47 15.83
CA SER A 157 15.81 -20.85 14.71
C SER A 157 15.71 -21.80 13.52
N ASP A 158 16.66 -22.73 13.39
CA ASP A 158 16.61 -23.70 12.31
C ASP A 158 15.48 -24.70 12.52
N ALA A 159 15.28 -25.14 13.76
CA ALA A 159 14.19 -26.06 14.05
C ALA A 159 12.84 -25.40 13.84
N LEU A 160 12.71 -24.13 14.23
CA LEU A 160 11.44 -23.43 14.06
C LEU A 160 11.14 -23.19 12.58
N ALA A 161 12.15 -22.81 11.81
CA ALA A 161 11.96 -22.55 10.39
C ALA A 161 11.77 -23.82 9.58
N SER A 162 12.25 -24.96 10.06
CA SER A 162 12.06 -26.21 9.33
C SER A 162 10.60 -26.63 9.32
N VAL A 163 9.87 -26.36 10.40
CA VAL A 163 8.46 -26.70 10.46
C VAL A 163 7.62 -25.60 9.79
N HIS A 164 7.99 -24.34 9.98
CA HIS A 164 7.25 -23.23 9.39
C HIS A 164 7.26 -23.32 7.87
N PHE A 165 8.44 -23.29 7.26
CA PHE A 165 8.54 -23.46 5.81
C PHE A 165 8.29 -24.88 5.36
N GLY A 166 8.05 -25.81 6.28
CA GLY A 166 7.87 -27.20 5.91
C GLY A 166 6.61 -27.42 5.07
N ALA A 167 5.50 -26.80 5.47
CA ALA A 167 4.24 -27.00 4.76
C ALA A 167 4.32 -26.54 3.31
N PHE A 168 5.34 -25.77 2.95
CA PHE A 168 5.50 -25.34 1.56
C PHE A 168 5.99 -26.50 0.69
N PHE A 169 7.13 -27.08 1.04
CA PHE A 169 7.76 -28.11 0.20
C PHE A 169 7.31 -29.52 0.53
N LEU A 170 6.46 -29.71 1.55
CA LEU A 170 6.01 -31.06 1.88
C LEU A 170 5.01 -31.61 0.86
N SER A 171 4.41 -30.75 0.04
CA SER A 171 3.50 -31.21 -0.99
C SER A 171 4.22 -31.79 -2.20
N ALA A 172 5.50 -31.43 -2.40
CA ALA A 172 6.25 -31.95 -3.53
C ALA A 172 6.70 -33.39 -3.29
N ILE A 173 7.09 -33.71 -2.05
CA ILE A 173 7.52 -35.07 -1.73
C ILE A 173 6.30 -35.99 -1.76
N GLU A 174 6.45 -37.14 -2.40
CA GLU A 174 5.36 -38.10 -2.55
C GLU A 174 5.20 -38.92 -1.28
N GLY A 175 3.99 -38.93 -0.74
CA GLY A 175 3.71 -39.67 0.48
C GLY A 175 2.49 -39.12 1.16
N ASP A 176 2.09 -39.83 2.22
CA ASP A 176 0.92 -39.42 2.99
C ASP A 176 1.18 -38.07 3.65
N PRO A 177 0.25 -37.11 3.58
CA PRO A 177 0.51 -35.79 4.16
C PRO A 177 0.80 -35.83 5.65
N GLU A 178 0.09 -36.67 6.41
CA GLU A 178 0.35 -36.75 7.84
C GLU A 178 1.64 -37.51 8.13
N GLU A 179 1.95 -38.53 7.32
CA GLU A 179 3.21 -39.23 7.51
C GLU A 179 4.40 -38.33 7.22
N LYS A 180 4.25 -37.40 6.27
CA LYS A 180 5.34 -36.48 5.98
C LYS A 180 5.48 -35.40 7.05
N ARG A 181 4.36 -34.98 7.64
CA ARG A 181 4.44 -33.97 8.70
C ARG A 181 5.13 -34.53 9.94
N LYS A 182 4.84 -35.78 10.30
CA LYS A 182 5.46 -36.38 11.47
C LYS A 182 6.96 -36.57 11.25
N ALA A 183 7.36 -36.93 10.04
CA ALA A 183 8.78 -37.13 9.75
C ALA A 183 9.53 -35.81 9.81
N LEU A 184 8.92 -34.73 9.32
CA LEU A 184 9.56 -33.43 9.38
C LEU A 184 9.61 -32.89 10.81
N LEU A 185 8.49 -33.02 11.54
CA LEU A 185 8.47 -32.59 12.94
C LEU A 185 9.52 -33.34 13.76
N GLU A 186 9.68 -34.64 13.49
CA GLU A 186 10.70 -35.42 14.19
C GLU A 186 12.10 -34.90 13.89
N SER A 187 12.35 -34.54 12.63
CA SER A 187 13.67 -34.02 12.25
C SER A 187 13.95 -32.67 12.88
N ALA A 188 12.93 -31.80 12.94
CA ALA A 188 13.11 -30.49 13.56
C ALA A 188 13.36 -30.61 15.06
N LEU A 189 12.70 -31.57 15.71
CA LEU A 189 12.92 -31.80 17.13
C LEU A 189 14.36 -32.23 17.40
N GLU A 190 14.94 -33.02 16.50
CA GLU A 190 16.35 -33.40 16.66
C GLU A 190 17.26 -32.18 16.50
N THR A 191 16.90 -31.26 15.60
CA THR A 191 17.69 -30.04 15.44
C THR A 191 17.57 -29.14 16.66
N LEU A 192 16.37 -29.04 17.24
CA LEU A 192 16.17 -28.24 18.45
C LEU A 192 16.92 -28.84 19.62
N ASP A 193 16.94 -30.17 19.72
CA ASP A 193 17.69 -30.81 20.81
C ASP A 193 19.18 -30.57 20.68
N SER A 194 19.70 -30.45 19.45
CA SER A 194 21.12 -30.21 19.25
C SER A 194 21.55 -28.83 19.70
N SER A 195 20.61 -27.92 19.97
CA SER A 195 20.95 -26.59 20.48
C SER A 195 21.42 -26.63 21.92
N ALA A 196 21.24 -27.75 22.61
CA ALA A 196 21.68 -27.89 24.00
C ALA A 196 23.06 -28.53 24.07
N ALA B 18 27.45 -5.74 -20.29
CA ALA B 18 26.72 -4.49 -20.39
C ALA B 18 26.94 -3.63 -19.14
N ASN B 19 27.82 -2.63 -19.25
CA ASN B 19 28.13 -1.79 -18.10
C ASN B 19 26.95 -0.90 -17.72
N THR B 20 26.18 -0.43 -18.71
CA THR B 20 25.03 0.41 -18.39
C THR B 20 23.91 -0.42 -17.76
N ARG B 21 23.68 -1.63 -18.27
CA ARG B 21 22.65 -2.49 -17.71
C ARG B 21 23.00 -2.90 -16.28
N ASP B 22 24.29 -3.14 -16.02
CA ASP B 22 24.72 -3.43 -14.65
C ASP B 22 24.66 -2.21 -13.77
N LYS B 23 24.87 -1.01 -14.33
CA LYS B 23 24.77 0.21 -13.55
C LYS B 23 23.33 0.52 -13.18
N ILE B 24 22.38 0.17 -14.04
CA ILE B 24 20.96 0.32 -13.70
C ILE B 24 20.61 -0.57 -12.52
N GLN B 25 21.12 -1.81 -12.52
CA GLN B 25 20.85 -2.72 -11.42
C GLN B 25 21.52 -2.26 -10.13
N SER B 26 22.75 -1.74 -10.23
CA SER B 26 23.47 -1.32 -9.03
C SER B 26 22.79 -0.11 -8.38
N VAL B 27 22.30 0.82 -9.18
CA VAL B 27 21.61 1.99 -8.63
C VAL B 27 20.26 1.59 -8.04
N ALA B 28 19.52 0.73 -8.74
CA ALA B 28 18.24 0.28 -8.22
C ALA B 28 18.40 -0.58 -6.97
N LEU B 29 19.43 -1.43 -6.94
CA LEU B 29 19.68 -2.25 -5.76
C LEU B 29 20.09 -1.39 -4.58
N GLU B 30 20.84 -0.31 -4.83
CA GLU B 30 21.21 0.61 -3.76
C GLU B 30 19.98 1.31 -3.19
N LEU B 31 18.99 1.59 -4.02
CA LEU B 31 17.77 2.22 -3.53
C LEU B 31 16.81 1.22 -2.89
N PHE B 32 16.81 -0.04 -3.37
CA PHE B 32 15.98 -1.05 -2.75
C PHE B 32 16.46 -1.36 -1.33
N ILE B 33 17.77 -1.28 -1.08
CA ILE B 33 18.30 -1.50 0.25
C ILE B 33 18.03 -0.28 1.12
N GLU B 34 18.32 0.91 0.61
CA GLU B 34 18.20 2.13 1.40
C GLU B 34 16.73 2.54 1.56
N ARG B 35 16.01 2.67 0.45
CA ARG B 35 14.65 3.19 0.46
C ARG B 35 13.56 2.12 0.44
N GLY B 36 13.83 0.98 -0.16
CA GLY B 36 12.83 -0.08 -0.20
C GLY B 36 12.27 -0.27 -1.59
N TYR B 37 11.95 -1.53 -1.91
CA TYR B 37 11.39 -1.84 -3.23
C TYR B 37 10.01 -1.23 -3.41
N GLU B 38 9.23 -1.13 -2.34
CA GLU B 38 7.91 -0.50 -2.45
C GLU B 38 8.02 1.00 -2.65
N LYS B 39 9.01 1.64 -2.00
CA LYS B 39 9.14 3.09 -2.08
C LYS B 39 9.90 3.54 -3.32
N THR B 40 10.85 2.75 -3.79
CA THR B 40 11.67 3.16 -4.93
C THR B 40 10.82 3.22 -6.20
N SER B 41 10.84 4.37 -6.86
CA SER B 41 10.11 4.60 -8.10
C SER B 41 11.08 4.57 -9.28
N ARG B 43 11.29 6.83 -11.32
CA ARG B 43 11.84 8.19 -11.40
C ARG B 43 13.03 8.36 -10.47
N GLU B 44 12.97 7.79 -9.26
CA GLU B 44 14.07 7.92 -8.32
C GLU B 44 15.34 7.27 -8.86
N ILE B 45 15.23 6.03 -9.35
CA ILE B 45 16.39 5.36 -9.92
C ILE B 45 16.85 6.07 -11.19
N ALA B 46 15.92 6.68 -11.91
CA ALA B 46 16.30 7.47 -13.08
C ALA B 46 17.14 8.68 -12.69
N GLU B 47 16.90 9.24 -11.51
CA GLU B 47 17.66 10.40 -11.07
C GLU B 47 19.04 9.99 -10.56
N GLY B 48 19.14 8.83 -9.90
CA GLY B 48 20.43 8.36 -9.44
C GLY B 48 21.33 7.86 -10.55
N LEU B 49 20.73 7.42 -11.67
CA LEU B 49 21.52 6.98 -12.82
C LEU B 49 22.26 8.12 -13.49
N GLY B 50 21.80 9.36 -13.30
CA GLY B 50 22.51 10.49 -13.88
C GLY B 50 22.34 10.53 -15.39
N ILE B 51 23.47 10.57 -16.10
CA ILE B 51 23.42 10.64 -17.55
C ILE B 51 22.91 9.33 -18.15
N THR B 52 23.18 8.20 -17.49
CA THR B 52 22.73 6.91 -17.99
C THR B 52 21.22 6.69 -17.87
N LYS B 53 20.42 7.71 -17.52
CA LYS B 53 18.98 7.53 -17.49
C LYS B 53 18.44 7.16 -18.87
N ALA B 54 19.07 7.67 -19.93
CA ALA B 54 18.57 7.39 -21.28
C ALA B 54 18.74 5.92 -21.64
N ALA B 55 19.70 5.23 -21.01
CA ALA B 55 19.89 3.81 -21.27
C ALA B 55 18.93 2.94 -20.45
N LEU B 56 18.25 3.53 -19.48
CA LEU B 56 17.36 2.77 -18.61
C LEU B 56 16.23 2.11 -19.40
N TYR B 57 15.44 2.93 -20.10
CA TYR B 57 14.32 2.40 -20.87
C TYR B 57 14.75 1.65 -22.12
N TYR B 58 16.05 1.59 -22.41
CA TYR B 58 16.55 0.72 -23.47
C TYR B 58 16.71 -0.72 -23.00
N HIS B 59 16.98 -0.92 -21.71
CA HIS B 59 17.15 -2.26 -21.14
C HIS B 59 15.90 -2.77 -20.43
N PHE B 60 15.24 -1.93 -19.63
CA PHE B 60 14.07 -2.34 -18.87
C PHE B 60 12.94 -1.36 -19.09
N LYS B 61 11.72 -1.83 -18.85
CA LYS B 61 10.53 -1.00 -18.90
C LYS B 61 9.72 -1.01 -17.61
N ALA B 62 9.94 -1.98 -16.72
CA ALA B 62 9.21 -2.06 -15.46
C ALA B 62 10.21 -2.20 -14.32
N LYS B 63 9.79 -1.75 -13.13
CA LYS B 63 10.62 -1.91 -11.95
C LYS B 63 10.75 -3.38 -11.57
N GLU B 64 9.68 -4.16 -11.74
CA GLU B 64 9.75 -5.60 -11.52
C GLU B 64 10.75 -6.25 -12.46
N GLU B 65 10.86 -5.74 -13.69
CA GLU B 65 11.80 -6.29 -14.65
C GLU B 65 13.24 -6.07 -14.20
N ILE B 66 13.52 -5.00 -13.46
CA ILE B 66 14.87 -4.76 -12.95
C ILE B 66 15.16 -5.68 -11.77
N LEU B 67 14.16 -5.90 -10.90
CA LEU B 67 14.37 -6.76 -9.73
C LEU B 67 14.65 -8.20 -10.16
N VAL B 68 13.95 -8.68 -11.17
CA VAL B 68 14.19 -10.02 -11.68
C VAL B 68 15.60 -10.12 -12.26
N ALA B 69 16.04 -9.06 -12.96
CA ALA B 69 17.39 -9.05 -13.50
C ALA B 69 18.44 -9.04 -12.41
N ILE B 70 18.15 -8.40 -11.27
CA ILE B 70 19.07 -8.45 -10.14
C ILE B 70 19.12 -9.86 -9.57
N SER B 71 17.97 -10.53 -9.49
CA SER B 71 17.96 -11.91 -9.02
C SER B 71 18.64 -12.84 -10.01
N GLN B 72 18.49 -12.57 -11.32
CA GLN B 72 19.16 -13.39 -12.32
C GLN B 72 20.68 -13.25 -12.23
N GLY B 73 21.17 -12.02 -12.07
CA GLY B 73 22.60 -11.83 -11.96
C GLY B 73 23.19 -12.43 -10.70
N LEU B 74 22.54 -12.17 -9.56
CA LEU B 74 23.03 -12.71 -8.29
C LEU B 74 22.86 -14.22 -8.21
N GLY B 75 21.98 -14.81 -9.01
CA GLY B 75 21.81 -16.24 -9.04
C GLY B 75 22.79 -16.93 -9.96
N GLY B 76 23.89 -16.24 -10.28
CA GLY B 76 24.91 -16.76 -11.14
C GLY B 76 25.56 -18.03 -10.63
N PRO B 77 26.17 -17.97 -9.44
CA PRO B 77 26.81 -19.17 -8.89
C PRO B 77 25.87 -20.35 -8.70
N VAL B 78 24.56 -20.12 -8.62
CA VAL B 78 23.62 -21.22 -8.48
C VAL B 78 23.49 -21.99 -9.79
N ASP B 79 23.49 -21.27 -10.92
CA ASP B 79 23.39 -21.93 -12.22
C ASP B 79 24.62 -22.81 -12.49
N GLU B 80 25.80 -22.34 -12.09
CA GLU B 80 27.00 -23.17 -12.24
C GLU B 80 26.96 -24.39 -11.34
N LEU B 81 26.40 -24.25 -10.14
CA LEU B 81 26.29 -25.38 -9.23
C LEU B 81 25.36 -26.45 -9.79
N VAL B 82 24.26 -26.04 -10.42
CA VAL B 82 23.32 -26.99 -11.01
C VAL B 82 24.00 -27.75 -12.14
N ALA B 83 24.67 -27.04 -13.03
CA ALA B 83 25.36 -27.68 -14.16
C ALA B 83 26.47 -28.60 -13.68
N TRP B 84 27.18 -28.23 -12.61
CA TRP B 84 28.23 -29.08 -12.07
C TRP B 84 27.65 -30.36 -11.47
N ALA B 85 26.48 -30.27 -10.84
CA ALA B 85 25.92 -31.45 -10.20
C ALA B 85 25.33 -32.44 -11.19
N ARG B 86 25.10 -32.03 -12.44
CA ARG B 86 24.64 -32.98 -13.45
C ARG B 86 25.65 -34.08 -13.69
N THR B 87 26.94 -33.82 -13.43
CA THR B 87 28.02 -34.75 -13.70
C THR B 87 28.55 -35.39 -12.43
N GLN B 88 27.75 -35.44 -11.36
CA GLN B 88 28.19 -36.03 -10.12
C GLN B 88 27.43 -37.33 -9.84
N PRO B 89 28.04 -38.28 -9.16
CA PRO B 89 27.31 -39.50 -8.79
C PRO B 89 26.25 -39.22 -7.73
N ARG B 90 25.17 -40.00 -7.79
CA ARG B 90 24.07 -39.85 -6.84
C ARG B 90 24.45 -40.55 -5.54
N THR B 91 25.23 -39.86 -4.73
CA THR B 91 25.69 -40.36 -3.44
C THR B 91 25.41 -39.33 -2.35
N LEU B 92 25.56 -39.76 -1.10
CA LEU B 92 25.36 -38.85 0.02
C LEU B 92 26.43 -37.77 0.06
N GLU B 93 27.67 -38.12 -0.32
CA GLU B 93 28.74 -37.12 -0.33
C GLU B 93 28.46 -36.02 -1.34
N THR B 94 27.84 -36.36 -2.48
CA THR B 94 27.48 -35.35 -3.46
C THR B 94 26.44 -34.40 -2.89
N LYS B 95 25.42 -34.93 -2.22
CA LYS B 95 24.40 -34.08 -1.61
C LYS B 95 25.03 -33.11 -0.61
N ARG B 96 26.02 -33.58 0.16
CA ARG B 96 26.66 -32.70 1.14
C ARG B 96 27.48 -31.61 0.46
N GLU B 97 28.20 -31.96 -0.61
CA GLU B 97 28.95 -30.95 -1.35
C GLU B 97 28.03 -29.97 -2.06
N VAL B 98 26.88 -30.45 -2.55
CA VAL B 98 25.89 -29.55 -3.15
C VAL B 98 25.35 -28.59 -2.09
N LEU B 99 25.12 -29.10 -0.88
CA LEU B 99 24.56 -28.25 0.18
C LEU B 99 25.57 -27.20 0.62
N ARG B 100 26.86 -27.57 0.69
CA ARG B 100 27.88 -26.60 1.07
C ARG B 100 28.04 -25.52 0.01
N ARG B 101 28.05 -25.91 -1.27
CA ARG B 101 28.20 -24.93 -2.34
C ARG B 101 26.96 -24.08 -2.51
N TYR B 102 25.78 -24.62 -2.20
CA TYR B 102 24.56 -23.82 -2.27
C TYR B 102 24.56 -22.73 -1.21
N SER B 103 25.11 -23.03 -0.02
CA SER B 103 25.22 -22.02 1.03
C SER B 103 26.12 -20.88 0.58
N GLU B 104 27.24 -21.21 -0.09
CA GLU B 104 28.14 -20.16 -0.57
C GLU B 104 27.56 -19.44 -1.78
N ALA B 105 26.70 -20.10 -2.55
CA ALA B 105 26.11 -19.45 -3.72
C ALA B 105 25.13 -18.36 -3.32
N LEU B 106 24.34 -18.61 -2.28
CA LEU B 106 23.35 -17.63 -1.81
C LEU B 106 23.96 -16.47 -1.08
N GLY B 108 25.77 -13.88 -2.22
CA GLY B 108 25.51 -12.64 -2.92
C GLY B 108 24.05 -12.21 -2.95
N ALA B 109 23.13 -13.12 -2.65
CA ALA B 109 21.71 -12.80 -2.60
C ALA B 109 21.25 -12.37 -1.21
N ALA B 110 22.18 -12.17 -0.28
CA ALA B 110 21.78 -11.73 1.07
C ALA B 110 21.00 -10.43 1.08
N PRO B 111 21.40 -9.38 0.34
CA PRO B 111 20.53 -8.19 0.31
C PRO B 111 19.20 -8.45 -0.37
N LEU B 112 19.17 -9.37 -1.34
CA LEU B 112 17.93 -9.68 -2.04
C LEU B 112 16.93 -10.33 -1.11
N PHE B 113 17.40 -11.20 -0.21
CA PHE B 113 16.51 -11.77 0.80
C PHE B 113 15.98 -10.68 1.72
N ARG B 114 16.78 -9.64 1.98
CA ARG B 114 16.39 -8.63 2.96
C ARG B 114 15.25 -7.77 2.45
N ILE B 115 15.22 -7.48 1.14
CA ILE B 115 14.15 -6.66 0.60
C ILE B 115 12.87 -7.46 0.39
N GLN B 117 11.70 -9.69 2.66
CA GLN B 117 11.02 -9.71 3.94
C GLN B 117 10.40 -8.36 4.29
N GLU B 118 10.82 -7.28 3.62
CA GLU B 118 10.26 -5.95 3.84
C GLU B 118 9.22 -5.56 2.80
N SER B 119 9.45 -5.90 1.54
CA SER B 119 8.53 -5.59 0.46
C SER B 119 7.69 -6.82 0.13
N GLY B 120 6.37 -6.71 0.32
CA GLY B 120 5.50 -7.82 -0.02
C GLY B 120 5.44 -8.09 -1.51
N ALA B 121 5.49 -7.03 -2.31
CA ALA B 121 5.44 -7.20 -3.77
C ALA B 121 6.72 -7.81 -4.30
N ALA B 122 7.87 -7.51 -3.68
CA ALA B 122 9.12 -8.12 -4.10
C ALA B 122 9.12 -9.63 -3.82
N LEU B 123 8.52 -10.04 -2.70
CA LEU B 123 8.37 -11.46 -2.42
C LEU B 123 7.40 -12.11 -3.41
N ARG B 124 6.34 -11.38 -3.80
CA ARG B 124 5.45 -11.88 -4.84
C ARG B 124 6.16 -11.92 -6.20
N THR B 125 7.04 -10.96 -6.45
CA THR B 125 7.82 -10.96 -7.68
C THR B 125 8.98 -11.95 -7.63
N LEU B 126 9.39 -12.37 -6.43
CA LEU B 126 10.49 -13.31 -6.23
C LEU B 126 11.78 -12.81 -6.87
N ILE B 136 15.42 -23.59 -7.96
CA ILE B 136 15.65 -24.45 -6.81
C ILE B 136 15.10 -25.85 -7.06
N ALA B 137 14.18 -25.96 -8.01
CA ALA B 137 13.63 -27.26 -8.36
C ALA B 137 14.68 -28.15 -9.02
N ALA B 138 15.58 -27.54 -9.80
CA ALA B 138 16.66 -28.32 -10.41
C ALA B 138 17.60 -28.87 -9.34
N ILE B 139 17.82 -28.10 -8.27
CA ILE B 139 18.64 -28.57 -7.17
C ILE B 139 17.92 -29.68 -6.40
N GLY B 140 16.62 -29.52 -6.20
CA GLY B 140 15.86 -30.57 -5.52
C GLY B 140 15.85 -31.87 -6.29
N GLU B 141 15.82 -31.80 -7.62
CA GLU B 141 15.87 -33.00 -8.44
C GLU B 141 17.20 -33.73 -8.26
N LEU B 142 18.28 -33.01 -8.00
CA LEU B 142 19.56 -33.64 -7.76
C LEU B 142 19.68 -34.19 -6.35
N TYR B 144 17.01 -35.27 -4.67
CA TYR B 144 15.97 -36.29 -4.54
C TYR B 144 16.54 -37.68 -4.76
N GLN B 145 16.24 -38.57 -3.83
CA GLN B 145 16.61 -39.98 -3.91
C GLN B 145 15.40 -40.78 -4.38
N ASP B 146 15.52 -41.41 -5.54
CA ASP B 146 14.40 -42.16 -6.09
C ASP B 146 14.20 -43.47 -5.33
N GLY B 147 12.98 -43.69 -4.86
CA GLY B 147 12.63 -44.90 -4.15
C GLY B 147 13.04 -44.94 -2.69
N ALA B 148 13.66 -43.88 -2.17
CA ALA B 148 14.05 -43.85 -0.78
C ALA B 148 12.83 -43.73 0.12
N SER B 149 13.03 -43.99 1.42
CA SER B 149 11.93 -43.93 2.37
C SER B 149 11.43 -42.49 2.50
N VAL B 150 10.18 -42.36 2.95
CA VAL B 150 9.60 -41.04 3.13
C VAL B 150 10.35 -40.27 4.21
N ARG B 151 10.85 -40.96 5.24
CA ARG B 151 11.65 -40.30 6.27
C ARG B 151 12.95 -39.74 5.68
N SER B 152 13.64 -40.54 4.87
CA SER B 152 14.88 -40.07 4.26
C SER B 152 14.63 -38.92 3.30
N GLN B 153 13.54 -38.98 2.53
CA GLN B 153 13.26 -37.95 1.55
C GLN B 153 12.85 -36.64 2.21
N VAL B 154 12.10 -36.72 3.32
CA VAL B 154 11.71 -35.51 4.03
C VAL B 154 12.93 -34.84 4.67
N ARG B 155 13.85 -35.64 5.23
CA ARG B 155 15.03 -35.08 5.86
C ARG B 155 15.99 -34.47 4.83
N ILE B 156 16.03 -35.03 3.62
CA ILE B 156 16.81 -34.42 2.55
C ILE B 156 16.23 -33.06 2.19
N SER B 157 14.91 -32.98 2.04
CA SER B 157 14.25 -31.71 1.78
C SER B 157 14.37 -30.76 2.96
N ASP B 158 14.39 -31.30 4.18
CA ASP B 158 14.58 -30.46 5.36
C ASP B 158 15.95 -29.78 5.34
N ALA B 159 17.00 -30.56 5.04
CA ALA B 159 18.33 -29.99 5.00
C ALA B 159 18.46 -28.95 3.90
N LEU B 160 17.85 -29.20 2.74
CA LEU B 160 17.92 -28.23 1.65
C LEU B 160 17.16 -26.96 1.98
N ALA B 161 15.98 -27.09 2.59
CA ALA B 161 15.18 -25.91 2.93
C ALA B 161 15.82 -25.10 4.06
N SER B 162 16.55 -25.76 4.96
CA SER B 162 17.19 -25.03 6.05
C SER B 162 18.25 -24.06 5.51
N VAL B 163 18.97 -24.46 4.46
CA VAL B 163 19.96 -23.56 3.86
C VAL B 163 19.28 -22.52 2.98
N HIS B 164 18.26 -22.92 2.23
CA HIS B 164 17.60 -22.01 1.29
C HIS B 164 16.93 -20.85 2.03
N PHE B 165 15.97 -21.16 2.89
CA PHE B 165 15.27 -20.14 3.68
C PHE B 165 16.10 -19.63 4.86
N GLY B 166 17.39 -19.96 4.91
CA GLY B 166 18.20 -19.58 6.05
C GLY B 166 18.40 -18.08 6.18
N ALA B 167 18.53 -17.40 5.05
CA ALA B 167 18.77 -15.96 5.08
C ALA B 167 17.59 -15.20 5.67
N PHE B 168 16.39 -15.80 5.69
CA PHE B 168 15.23 -15.10 6.22
C PHE B 168 15.31 -14.96 7.74
N PHE B 169 15.59 -16.05 8.45
CA PHE B 169 15.57 -16.02 9.90
C PHE B 169 16.93 -15.76 10.54
N LEU B 170 18.02 -15.87 9.79
CA LEU B 170 19.33 -15.56 10.35
C LEU B 170 19.51 -14.07 10.60
N SER B 171 18.66 -13.21 10.02
CA SER B 171 18.79 -11.77 10.22
C SER B 171 18.48 -11.38 11.66
N ALA B 172 17.48 -12.01 12.27
CA ALA B 172 17.12 -11.71 13.65
C ALA B 172 18.17 -12.20 14.64
N ILE B 173 19.00 -13.15 14.26
CA ILE B 173 20.04 -13.67 15.15
C ILE B 173 21.21 -12.69 15.17
N GLU B 174 21.72 -12.42 16.36
CA GLU B 174 22.82 -11.48 16.54
C GLU B 174 24.15 -12.22 16.44
N GLY B 175 25.03 -11.72 15.58
CA GLY B 175 26.34 -12.33 15.42
C GLY B 175 26.88 -12.06 14.02
N ASP B 176 28.10 -12.55 13.80
CA ASP B 176 28.76 -12.40 12.51
C ASP B 176 27.94 -13.11 11.43
N PRO B 177 27.63 -12.44 10.31
CA PRO B 177 26.87 -13.13 9.25
C PRO B 177 27.53 -14.40 8.75
N GLU B 178 28.86 -14.42 8.66
CA GLU B 178 29.54 -15.63 8.21
C GLU B 178 29.52 -16.70 9.30
N GLU B 179 29.64 -16.30 10.56
CA GLU B 179 29.58 -17.26 11.65
C GLU B 179 28.22 -17.93 11.72
N LYS B 180 27.15 -17.17 11.46
CA LYS B 180 25.80 -17.72 11.49
C LYS B 180 25.52 -18.60 10.27
N ARG B 181 26.06 -18.23 9.11
CA ARG B 181 25.86 -19.04 7.91
C ARG B 181 26.52 -20.41 8.05
N LYS B 182 27.72 -20.45 8.61
CA LYS B 182 28.43 -21.72 8.75
C LYS B 182 27.79 -22.60 9.81
N ALA B 183 27.27 -22.00 10.89
CA ALA B 183 26.59 -22.80 11.90
C ALA B 183 25.29 -23.38 11.38
N LEU B 184 24.57 -22.63 10.54
CA LEU B 184 23.36 -23.15 9.91
C LEU B 184 23.70 -24.28 8.94
N LEU B 185 24.75 -24.10 8.13
CA LEU B 185 25.17 -25.15 7.22
C LEU B 185 25.60 -26.40 7.99
N GLU B 186 26.22 -26.21 9.16
CA GLU B 186 26.60 -27.35 9.99
C GLU B 186 25.36 -28.12 10.47
N SER B 187 24.30 -27.40 10.86
CA SER B 187 23.08 -28.06 11.30
C SER B 187 22.38 -28.74 10.13
N ALA B 188 22.33 -28.08 8.98
CA ALA B 188 21.67 -28.68 7.82
C ALA B 188 22.37 -29.97 7.39
N LEU B 189 23.69 -29.99 7.44
CA LEU B 189 24.43 -31.19 7.06
C LEU B 189 24.15 -32.34 8.02
N GLU B 190 24.01 -32.05 9.31
CA GLU B 190 23.62 -33.09 10.25
C GLU B 190 22.25 -33.67 9.90
N THR B 191 21.32 -32.80 9.49
CA THR B 191 20.01 -33.28 9.03
C THR B 191 20.14 -34.08 7.75
N LEU B 192 21.01 -33.64 6.84
CA LEU B 192 21.22 -34.38 5.59
C LEU B 192 21.83 -35.75 5.86
N ASP B 193 22.72 -35.85 6.85
CA ASP B 193 23.32 -37.13 7.18
C ASP B 193 22.30 -38.07 7.81
N SER B 194 21.29 -37.54 8.52
CA SER B 194 20.29 -38.36 9.17
C SER B 194 19.37 -39.06 8.18
N SER B 195 19.38 -38.66 6.90
CA SER B 195 18.55 -39.35 5.91
C SER B 195 19.10 -40.72 5.54
N ALA B 196 20.39 -40.94 5.73
CA ALA B 196 21.00 -42.24 5.44
C ALA B 196 20.69 -43.24 6.54
N HIS C 14 -1.84 20.18 37.52
CA HIS C 14 -0.54 20.56 36.99
C HIS C 14 -0.69 21.24 35.64
N VAL C 15 -0.16 22.46 35.53
CA VAL C 15 -0.34 23.25 34.31
C VAL C 15 0.53 22.72 33.17
N ARG C 16 1.55 21.93 33.48
CA ARG C 16 2.44 21.37 32.47
C ARG C 16 2.15 19.91 32.16
N GLY C 17 0.94 19.43 32.50
CA GLY C 17 0.58 18.04 32.31
C GLY C 17 -0.20 17.80 31.03
N ALA C 18 -0.52 16.53 30.81
CA ALA C 18 -1.24 16.13 29.60
C ALA C 18 -2.70 16.58 29.63
N ASN C 19 -3.28 16.72 30.81
CA ASN C 19 -4.66 17.19 30.89
C ASN C 19 -4.79 18.63 30.44
N THR C 20 -3.80 19.47 30.77
CA THR C 20 -3.83 20.85 30.30
C THR C 20 -3.67 20.91 28.79
N ARG C 21 -2.75 20.11 28.23
CA ARG C 21 -2.57 20.08 26.78
C ARG C 21 -3.86 19.69 26.06
N ASP C 22 -4.57 18.69 26.59
CA ASP C 22 -5.84 18.29 25.98
C ASP C 22 -6.90 19.37 26.15
N LYS C 23 -6.91 20.06 27.29
CA LYS C 23 -7.87 21.13 27.50
C LYS C 23 -7.62 22.31 26.57
N ILE C 24 -6.35 22.58 26.25
CA ILE C 24 -6.02 23.67 25.33
C ILE C 24 -6.65 23.41 23.96
N GLN C 25 -6.54 22.17 23.47
CA GLN C 25 -7.12 21.84 22.17
C GLN C 25 -8.64 21.97 22.18
N SER C 26 -9.27 21.62 23.30
CA SER C 26 -10.73 21.71 23.38
C SER C 26 -11.19 23.17 23.30
N VAL C 27 -10.58 24.04 24.10
CA VAL C 27 -10.96 25.45 24.08
C VAL C 27 -10.63 26.09 22.74
N ALA C 28 -9.46 25.76 22.17
CA ALA C 28 -9.07 26.35 20.90
C ALA C 28 -10.02 25.95 19.78
N LEU C 29 -10.40 24.66 19.72
CA LEU C 29 -11.32 24.21 18.68
C LEU C 29 -12.66 24.91 18.79
N GLU C 30 -13.19 25.03 20.01
CA GLU C 30 -14.48 25.70 20.20
C GLU C 30 -14.40 27.16 19.77
N LEU C 31 -13.24 27.81 19.99
CA LEU C 31 -13.08 29.19 19.55
C LEU C 31 -12.93 29.28 18.04
N PHE C 32 -12.25 28.30 17.43
CA PHE C 32 -12.10 28.29 15.98
C PHE C 32 -13.43 28.12 15.28
N ILE C 33 -14.40 27.45 15.93
CA ILE C 33 -15.71 27.25 15.31
C ILE C 33 -16.57 28.50 15.45
N GLU C 34 -16.55 29.13 16.63
CA GLU C 34 -17.40 30.29 16.87
C GLU C 34 -16.81 31.55 16.22
N ARG C 35 -15.60 31.94 16.63
CA ARG C 35 -15.00 33.18 16.17
C ARG C 35 -14.28 33.03 14.83
N GLY C 36 -13.78 31.84 14.54
CA GLY C 36 -13.00 31.63 13.34
C GLY C 36 -11.54 31.34 13.67
N TYR C 37 -10.90 30.58 12.78
CA TYR C 37 -9.51 30.19 13.02
C TYR C 37 -8.57 31.39 12.98
N GLU C 38 -8.65 32.19 11.92
CA GLU C 38 -7.73 33.31 11.76
C GLU C 38 -8.05 34.48 12.68
N LYS C 39 -9.30 34.60 13.13
CA LYS C 39 -9.66 35.69 14.04
C LYS C 39 -9.34 35.36 15.50
N THR C 40 -9.26 34.08 15.84
CA THR C 40 -8.88 33.69 17.19
C THR C 40 -7.39 33.90 17.40
N SER C 41 -7.02 34.64 18.44
CA SER C 41 -5.63 34.91 18.76
C SER C 41 -5.16 34.00 19.88
N ARG C 43 -3.85 34.98 22.58
CA ARG C 43 -4.28 35.55 23.84
C ARG C 43 -5.69 35.12 24.21
N GLU C 44 -6.58 35.03 23.20
CA GLU C 44 -7.96 34.62 23.46
C GLU C 44 -8.03 33.16 23.92
N ILE C 45 -7.16 32.31 23.38
CA ILE C 45 -7.14 30.91 23.81
C ILE C 45 -6.69 30.81 25.25
N ALA C 46 -5.65 31.55 25.63
CA ALA C 46 -5.18 31.55 27.02
C ALA C 46 -6.24 32.12 27.95
N GLU C 47 -6.96 33.16 27.52
CA GLU C 47 -8.02 33.72 28.34
C GLU C 47 -9.17 32.75 28.53
N GLY C 48 -9.49 31.97 27.49
CA GLY C 48 -10.54 30.97 27.61
C GLY C 48 -10.19 29.82 28.53
N LEU C 49 -8.89 29.58 28.75
CA LEU C 49 -8.45 28.54 29.66
C LEU C 49 -8.16 29.06 31.07
N GLY C 50 -8.06 30.37 31.25
CA GLY C 50 -7.72 30.91 32.55
C GLY C 50 -6.27 30.73 32.95
N ILE C 51 -5.39 30.44 32.00
CA ILE C 51 -3.97 30.30 32.26
C ILE C 51 -3.24 31.46 31.61
N THR C 52 -1.99 31.65 32.02
CA THR C 52 -1.16 32.69 31.43
C THR C 52 -0.69 32.25 30.04
N LYS C 53 -0.23 33.23 29.25
CA LYS C 53 0.28 32.91 27.93
C LYS C 53 1.55 32.07 28.01
N ALA C 54 2.35 32.25 29.06
CA ALA C 54 3.54 31.44 29.25
C ALA C 54 3.19 29.96 29.39
N ALA C 55 2.09 29.66 30.09
CA ALA C 55 1.67 28.28 30.25
C ALA C 55 1.13 27.70 28.94
N LEU C 56 0.51 28.54 28.12
CA LEU C 56 0.01 28.08 26.82
C LEU C 56 1.17 27.76 25.88
N TYR C 57 2.15 28.67 25.79
CA TYR C 57 3.28 28.47 24.90
C TYR C 57 4.13 27.26 25.28
N TYR C 58 4.11 26.87 26.56
CA TYR C 58 4.86 25.69 26.99
C TYR C 58 4.37 24.44 26.25
N HIS C 59 3.08 24.36 25.95
CA HIS C 59 2.53 23.22 25.23
C HIS C 59 2.53 23.44 23.72
N PHE C 60 2.16 24.64 23.26
CA PHE C 60 2.05 24.95 21.84
C PHE C 60 2.70 26.29 21.57
N LYS C 61 3.76 26.29 20.76
CA LYS C 61 4.49 27.50 20.45
C LYS C 61 3.84 28.34 19.36
N ALA C 62 2.77 27.85 18.74
CA ALA C 62 2.09 28.60 17.69
C ALA C 62 0.68 28.04 17.52
N LYS C 63 -0.22 28.90 17.02
CA LYS C 63 -1.58 28.46 16.75
C LYS C 63 -1.62 27.31 15.75
N GLU C 64 -0.66 27.29 14.81
CA GLU C 64 -0.60 26.20 13.85
C GLU C 64 -0.33 24.86 14.52
N GLU C 65 0.45 24.87 15.61
CA GLU C 65 0.69 23.63 16.34
C GLU C 65 -0.57 23.10 17.01
N ILE C 66 -1.47 24.00 17.44
CA ILE C 66 -2.73 23.54 18.02
C ILE C 66 -3.60 22.91 16.95
N LEU C 67 -3.69 23.54 15.78
CA LEU C 67 -4.49 23.00 14.69
C LEU C 67 -4.01 21.61 14.28
N VAL C 68 -2.70 21.39 14.27
CA VAL C 68 -2.18 20.08 13.94
C VAL C 68 -2.54 19.07 15.02
N ALA C 69 -2.38 19.45 16.30
CA ALA C 69 -2.72 18.55 17.38
C ALA C 69 -4.20 18.19 17.38
N ILE C 70 -5.06 19.16 17.04
CA ILE C 70 -6.49 18.88 16.90
C ILE C 70 -6.73 17.89 15.76
N SER C 71 -6.02 18.07 14.65
CA SER C 71 -6.19 17.17 13.51
C SER C 71 -5.72 15.77 13.84
N GLN C 72 -4.63 15.64 14.61
CA GLN C 72 -4.13 14.32 14.97
C GLN C 72 -5.10 13.59 15.88
N GLY C 73 -5.77 14.31 16.78
CA GLY C 73 -6.73 13.70 17.68
C GLY C 73 -8.07 13.43 17.04
N LEU C 74 -8.54 14.37 16.21
CA LEU C 74 -9.83 14.19 15.55
C LEU C 74 -9.82 13.02 14.59
N GLY C 75 -8.69 12.79 13.91
CA GLY C 75 -8.58 11.69 12.97
C GLY C 75 -8.14 10.39 13.63
N GLY C 76 -8.41 10.26 14.92
CA GLY C 76 -8.10 9.07 15.68
C GLY C 76 -8.70 7.81 15.08
N PRO C 77 -10.03 7.80 14.91
CA PRO C 77 -10.66 6.62 14.27
C PRO C 77 -10.11 6.30 12.90
N VAL C 78 -9.54 7.27 12.18
CA VAL C 78 -8.94 6.98 10.89
C VAL C 78 -7.67 6.15 11.06
N ASP C 79 -6.85 6.49 12.07
CA ASP C 79 -5.66 5.71 12.35
C ASP C 79 -6.01 4.30 12.81
N GLU C 80 -7.16 4.14 13.49
CA GLU C 80 -7.59 2.81 13.90
C GLU C 80 -8.13 2.01 12.73
N LEU C 81 -8.75 2.68 11.75
CA LEU C 81 -9.30 1.98 10.60
C LEU C 81 -8.20 1.36 9.74
N VAL C 82 -7.17 2.14 9.43
CA VAL C 82 -6.08 1.62 8.60
C VAL C 82 -5.39 0.47 9.32
N ALA C 83 -5.23 0.58 10.65
CA ALA C 83 -4.61 -0.50 11.41
C ALA C 83 -5.45 -1.77 11.36
N TRP C 84 -6.77 -1.64 11.45
CA TRP C 84 -7.64 -2.81 11.32
C TRP C 84 -7.62 -3.37 9.90
N ALA C 85 -7.54 -2.49 8.90
CA ALA C 85 -7.53 -2.95 7.52
C ALA C 85 -6.25 -3.66 7.14
N ARG C 86 -5.15 -3.41 7.87
CA ARG C 86 -3.91 -4.13 7.63
C ARG C 86 -4.02 -5.62 7.98
N THR C 87 -5.04 -6.02 8.74
CA THR C 87 -5.22 -7.40 9.15
C THR C 87 -6.25 -8.14 8.31
N GLN C 88 -7.02 -7.45 7.48
CA GLN C 88 -8.08 -8.04 6.70
C GLN C 88 -7.58 -8.41 5.30
N PRO C 89 -8.20 -9.40 4.66
CA PRO C 89 -7.77 -9.78 3.31
C PRO C 89 -8.03 -8.67 2.31
N ARG C 90 -7.21 -8.68 1.24
CA ARG C 90 -7.33 -7.68 0.18
C ARG C 90 -8.40 -8.13 -0.83
N THR C 91 -9.66 -8.00 -0.40
CA THR C 91 -10.80 -8.35 -1.21
C THR C 91 -11.67 -7.12 -1.43
N LEU C 92 -12.56 -7.21 -2.42
CA LEU C 92 -13.49 -6.11 -2.70
C LEU C 92 -14.41 -5.85 -1.51
N GLU C 93 -14.77 -6.90 -0.78
CA GLU C 93 -15.61 -6.73 0.41
C GLU C 93 -14.89 -5.92 1.48
N THR C 94 -13.58 -6.10 1.60
CA THR C 94 -12.80 -5.29 2.55
C THR C 94 -12.76 -3.83 2.11
N LYS C 95 -12.54 -3.59 0.81
CA LYS C 95 -12.54 -2.22 0.31
C LYS C 95 -13.87 -1.54 0.56
N ARG C 96 -14.98 -2.28 0.46
CA ARG C 96 -16.27 -1.71 0.77
C ARG C 96 -16.38 -1.34 2.25
N GLU C 97 -15.95 -2.25 3.13
CA GLU C 97 -16.02 -1.97 4.56
C GLU C 97 -15.05 -0.87 4.97
N VAL C 98 -13.87 -0.82 4.32
CA VAL C 98 -12.96 0.29 4.57
C VAL C 98 -13.61 1.61 4.16
N LEU C 99 -14.31 1.61 3.03
CA LEU C 99 -14.99 2.83 2.58
C LEU C 99 -16.14 3.19 3.50
N ARG C 100 -16.81 2.20 4.09
CA ARG C 100 -17.89 2.50 5.03
C ARG C 100 -17.35 3.13 6.30
N ARG C 101 -16.37 2.47 6.94
CA ARG C 101 -15.84 2.98 8.20
C ARG C 101 -15.11 4.31 8.02
N TYR C 102 -14.54 4.53 6.83
CA TYR C 102 -13.89 5.82 6.56
C TYR C 102 -14.92 6.93 6.44
N SER C 103 -16.13 6.61 5.98
CA SER C 103 -17.16 7.64 5.86
C SER C 103 -17.64 8.11 7.24
N GLU C 104 -17.67 7.21 8.22
CA GLU C 104 -18.07 7.57 9.56
C GLU C 104 -16.90 8.03 10.42
N ALA C 105 -15.67 7.73 10.03
CA ALA C 105 -14.50 8.22 10.77
C ALA C 105 -14.29 9.71 10.52
N LEU C 106 -14.53 10.17 9.30
CA LEU C 106 -14.42 11.58 8.97
C LEU C 106 -15.54 12.41 9.58
N GLY C 108 -16.10 12.98 12.71
CA GLY C 108 -15.56 13.77 13.80
C GLY C 108 -14.76 14.97 13.36
N ALA C 109 -14.13 14.91 12.19
CA ALA C 109 -13.34 16.00 11.67
C ALA C 109 -14.16 16.99 10.85
N ALA C 110 -15.49 16.93 10.95
CA ALA C 110 -16.33 17.85 10.20
C ALA C 110 -16.05 19.32 10.51
N PRO C 111 -15.85 19.76 11.76
CA PRO C 111 -15.51 21.17 11.98
C PRO C 111 -14.20 21.57 11.32
N LEU C 112 -13.23 20.66 11.23
CA LEU C 112 -11.97 21.00 10.57
C LEU C 112 -12.16 21.26 9.09
N PHE C 113 -12.96 20.42 8.41
CA PHE C 113 -13.27 20.68 7.01
C PHE C 113 -13.92 22.04 6.84
N ARG C 114 -14.83 22.40 7.76
CA ARG C 114 -15.49 23.69 7.69
C ARG C 114 -14.50 24.82 7.95
N ILE C 115 -13.51 24.58 8.81
CA ILE C 115 -12.49 25.59 9.07
C ILE C 115 -11.58 25.76 7.86
N GLN C 117 -12.44 25.41 4.87
CA GLN C 117 -13.19 26.15 3.86
C GLN C 117 -13.20 27.65 4.14
N GLU C 118 -13.15 28.04 5.41
CA GLU C 118 -13.17 29.44 5.79
C GLU C 118 -11.79 30.07 5.80
N SER C 119 -10.78 29.34 6.28
CA SER C 119 -9.44 29.86 6.49
C SER C 119 -8.48 29.24 5.47
N GLY C 120 -7.87 30.10 4.64
CA GLY C 120 -6.84 29.61 3.75
C GLY C 120 -5.58 29.20 4.48
N ALA C 121 -5.30 29.84 5.63
CA ALA C 121 -4.16 29.44 6.44
C ALA C 121 -4.36 28.04 7.01
N ALA C 122 -5.57 27.72 7.45
CA ALA C 122 -5.87 26.36 7.90
C ALA C 122 -5.82 25.37 6.75
N LEU C 123 -6.12 25.83 5.53
CA LEU C 123 -6.04 24.96 4.36
C LEU C 123 -4.60 24.53 4.09
N ARG C 124 -3.65 25.45 4.25
CA ARG C 124 -2.25 25.10 4.03
C ARG C 124 -1.73 24.17 5.13
N THR C 125 -2.14 24.41 6.37
CA THR C 125 -1.63 23.62 7.49
C THR C 125 -2.04 22.15 7.37
N LEU C 126 -3.32 21.90 7.11
CA LEU C 126 -3.83 20.54 7.10
C LEU C 126 -3.99 19.96 5.70
N GLY C 127 -3.92 20.78 4.66
CA GLY C 127 -4.09 20.28 3.30
C GLY C 127 -2.86 19.58 2.73
N ILE C 128 -1.70 19.76 3.36
CA ILE C 128 -0.48 19.12 2.89
C ILE C 128 -0.56 17.61 3.05
N ASN C 133 -2.65 13.99 6.80
CA ASN C 133 -1.75 14.30 5.68
C ASN C 133 -1.37 13.03 4.92
N ASP C 134 -0.78 12.07 5.63
CA ASP C 134 -0.44 10.77 5.07
C ASP C 134 -1.42 9.67 5.48
N ARG C 135 -2.51 10.04 6.17
CA ARG C 135 -3.53 9.06 6.49
C ARG C 135 -4.27 8.60 5.24
N ILE C 136 -4.59 9.54 4.34
CA ILE C 136 -5.27 9.18 3.10
C ILE C 136 -4.35 8.34 2.21
N ALA C 137 -3.03 8.54 2.33
CA ALA C 137 -2.10 7.71 1.58
C ALA C 137 -2.10 6.27 2.09
N ALA C 138 -2.22 6.10 3.40
CA ALA C 138 -2.28 4.76 3.97
C ALA C 138 -3.55 4.03 3.53
N ILE C 139 -4.68 4.75 3.48
CA ILE C 139 -5.92 4.15 2.99
C ILE C 139 -5.85 3.94 1.49
N GLY C 140 -5.13 4.80 0.77
CA GLY C 140 -5.02 4.64 -0.67
C GLY C 140 -4.35 3.35 -1.08
N GLU C 141 -3.30 2.95 -0.35
CA GLU C 141 -2.64 1.69 -0.65
C GLU C 141 -3.48 0.48 -0.23
N LEU C 142 -4.39 0.66 0.72
CA LEU C 142 -5.31 -0.42 1.09
C LEU C 142 -6.41 -0.60 0.06
N TYR C 144 -5.83 0.21 -3.18
CA TYR C 144 -5.14 -0.06 -4.42
C TYR C 144 -5.21 -1.53 -4.78
N GLN C 145 -5.39 -1.81 -6.07
CA GLN C 145 -5.49 -3.17 -6.59
C GLN C 145 -4.33 -3.42 -7.53
N ASP C 146 -3.42 -4.30 -7.14
CA ASP C 146 -2.28 -4.62 -7.98
C ASP C 146 -2.73 -5.45 -9.18
N GLY C 147 -2.26 -5.07 -10.37
CA GLY C 147 -2.59 -5.77 -11.59
C GLY C 147 -3.91 -5.39 -12.22
N ALA C 148 -4.64 -4.44 -11.65
CA ALA C 148 -5.91 -4.02 -12.21
C ALA C 148 -5.70 -3.12 -13.43
N SER C 149 -6.76 -2.99 -14.21
CA SER C 149 -6.73 -2.16 -15.40
C SER C 149 -6.80 -0.67 -15.02
N VAL C 150 -6.60 0.19 -16.01
CA VAL C 150 -6.72 1.62 -15.79
C VAL C 150 -8.16 1.99 -15.44
N ARG C 151 -9.12 1.35 -16.10
CA ARG C 151 -10.52 1.59 -15.78
C ARG C 151 -10.84 1.17 -14.34
N SER C 152 -10.37 -0.02 -13.95
CA SER C 152 -10.70 -0.53 -12.63
C SER C 152 -9.98 0.25 -11.53
N GLN C 153 -8.73 0.65 -11.79
CA GLN C 153 -7.96 1.36 -10.77
C GLN C 153 -8.53 2.76 -10.53
N VAL C 154 -8.93 3.45 -11.60
CA VAL C 154 -9.46 4.80 -11.46
C VAL C 154 -10.77 4.80 -10.68
N ARG C 155 -11.64 3.83 -10.97
CA ARG C 155 -12.94 3.79 -10.29
C ARG C 155 -12.79 3.50 -8.80
N ILE C 156 -11.73 2.78 -8.41
CA ILE C 156 -11.46 2.61 -6.99
C ILE C 156 -11.11 3.94 -6.34
N SER C 157 -10.23 4.71 -7.00
CA SER C 157 -9.83 6.00 -6.46
C SER C 157 -10.98 7.00 -6.50
N ASP C 158 -11.86 6.91 -7.50
CA ASP C 158 -13.03 7.78 -7.54
C ASP C 158 -13.95 7.51 -6.35
N ALA C 159 -14.12 6.24 -5.99
CA ALA C 159 -14.97 5.90 -4.84
C ALA C 159 -14.36 6.42 -3.55
N LEU C 160 -13.04 6.33 -3.41
CA LEU C 160 -12.38 6.81 -2.20
C LEU C 160 -12.41 8.33 -2.12
N ALA C 161 -12.13 9.00 -3.24
CA ALA C 161 -12.10 10.47 -3.24
C ALA C 161 -13.49 11.06 -3.03
N SER C 162 -14.54 10.33 -3.41
CA SER C 162 -15.89 10.82 -3.17
C SER C 162 -16.18 10.91 -1.68
N VAL C 163 -15.69 9.94 -0.90
CA VAL C 163 -15.89 9.98 0.54
C VAL C 163 -14.90 10.94 1.19
N HIS C 164 -13.68 11.02 0.66
CA HIS C 164 -12.64 11.86 1.27
C HIS C 164 -13.01 13.34 1.18
N PHE C 165 -13.19 13.85 -0.04
CA PHE C 165 -13.55 15.25 -0.24
C PHE C 165 -15.03 15.52 -0.02
N GLY C 166 -15.75 14.60 0.62
CA GLY C 166 -17.20 14.73 0.72
C GLY C 166 -17.64 15.99 1.42
N ALA C 167 -16.99 16.32 2.54
CA ALA C 167 -17.41 17.48 3.32
C ALA C 167 -17.20 18.80 2.59
N PHE C 168 -16.42 18.81 1.51
CA PHE C 168 -16.16 20.06 0.81
C PHE C 168 -17.31 20.48 -0.09
N PHE C 169 -17.87 19.54 -0.86
CA PHE C 169 -18.95 19.88 -1.78
C PHE C 169 -20.34 19.65 -1.20
N LEU C 170 -20.46 18.88 -0.12
CA LEU C 170 -21.76 18.70 0.52
C LEU C 170 -22.14 19.87 1.41
N SER C 171 -21.23 20.81 1.66
CA SER C 171 -21.55 21.93 2.53
C SER C 171 -22.58 22.86 1.89
N ALA C 172 -22.61 22.92 0.56
CA ALA C 172 -23.58 23.76 -0.14
C ALA C 172 -24.97 23.12 -0.18
N ILE C 173 -25.04 21.79 -0.11
CA ILE C 173 -26.32 21.10 -0.15
C ILE C 173 -27.00 21.21 1.20
N GLU C 174 -28.27 21.60 1.19
CA GLU C 174 -29.06 21.72 2.40
C GLU C 174 -29.66 20.36 2.77
N GLY C 175 -29.50 19.96 4.01
CA GLY C 175 -30.06 18.70 4.47
C GLY C 175 -29.39 18.23 5.73
N ASP C 176 -29.91 17.11 6.24
CA ASP C 176 -29.37 16.49 7.44
C ASP C 176 -27.95 16.01 7.16
N PRO C 177 -26.97 16.34 8.01
CA PRO C 177 -25.60 15.84 7.78
C PRO C 177 -25.50 14.34 7.62
N GLU C 178 -26.13 13.57 8.50
CA GLU C 178 -26.11 12.11 8.39
C GLU C 178 -26.80 11.64 7.13
N GLU C 179 -27.93 12.28 6.77
CA GLU C 179 -28.66 11.88 5.57
C GLU C 179 -27.81 12.13 4.33
N LYS C 180 -27.14 13.29 4.27
CA LYS C 180 -26.24 13.57 3.17
C LYS C 180 -25.02 12.65 3.20
N ARG C 181 -24.56 12.27 4.40
CA ARG C 181 -23.41 11.38 4.50
C ARG C 181 -23.77 9.98 4.01
N LYS C 182 -24.95 9.48 4.38
CA LYS C 182 -25.37 8.15 3.94
C LYS C 182 -25.51 8.09 2.42
N ALA C 183 -26.14 9.10 1.83
CA ALA C 183 -26.38 9.08 0.39
C ALA C 183 -25.07 9.13 -0.40
N LEU C 184 -24.10 9.89 0.10
CA LEU C 184 -22.80 9.95 -0.58
C LEU C 184 -22.07 8.62 -0.49
N LEU C 185 -22.12 7.97 0.67
CA LEU C 185 -21.47 6.67 0.83
C LEU C 185 -22.07 5.63 -0.11
N GLU C 186 -23.41 5.65 -0.26
CA GLU C 186 -24.05 4.70 -1.17
C GLU C 186 -23.62 4.94 -2.61
N SER C 187 -23.51 6.22 -3.01
CA SER C 187 -23.06 6.52 -4.36
C SER C 187 -21.62 6.08 -4.58
N ALA C 188 -20.77 6.23 -3.55
CA ALA C 188 -19.38 5.80 -3.67
C ALA C 188 -19.26 4.28 -3.68
N LEU C 189 -20.14 3.58 -2.95
CA LEU C 189 -20.12 2.12 -2.99
C LEU C 189 -20.52 1.60 -4.37
N GLU C 190 -21.45 2.29 -5.04
CA GLU C 190 -21.83 1.89 -6.39
C GLU C 190 -20.68 2.08 -7.36
N THR C 191 -19.94 3.19 -7.22
CA THR C 191 -18.75 3.39 -8.05
C THR C 191 -17.66 2.38 -7.71
N LEU C 192 -17.54 2.01 -6.43
CA LEU C 192 -16.55 1.00 -6.05
C LEU C 192 -16.88 -0.35 -6.65
N ASP C 193 -18.17 -0.72 -6.69
CA ASP C 193 -18.56 -2.00 -7.27
C ASP C 193 -18.32 -2.04 -8.77
N SER C 194 -18.33 -0.88 -9.43
CA SER C 194 -18.10 -0.83 -10.87
C SER C 194 -16.65 -1.13 -11.25
N SER C 195 -15.74 -1.18 -10.27
CA SER C 195 -14.34 -1.48 -10.55
C SER C 195 -14.07 -2.97 -10.69
N ALA C 196 -15.01 -3.81 -10.26
CA ALA C 196 -14.83 -5.26 -10.36
C ALA C 196 -14.94 -5.72 -11.81
N HIS D 14 8.19 46.61 -24.45
CA HIS D 14 8.35 47.62 -23.41
C HIS D 14 8.42 46.96 -22.03
N VAL D 15 9.27 47.51 -21.16
CA VAL D 15 9.51 46.90 -19.86
C VAL D 15 8.26 46.91 -18.98
N ARG D 16 7.33 47.83 -19.23
CA ARG D 16 6.10 47.92 -18.45
C ARG D 16 4.87 47.55 -19.27
N GLY D 17 5.05 46.83 -20.37
CA GLY D 17 3.97 46.48 -21.25
C GLY D 17 3.39 45.10 -20.96
N ALA D 18 2.30 44.79 -21.68
CA ALA D 18 1.63 43.52 -21.49
C ALA D 18 2.49 42.34 -21.92
N ASN D 19 3.34 42.54 -22.95
CA ASN D 19 4.21 41.46 -23.38
C ASN D 19 5.17 41.04 -22.27
N THR D 20 5.73 42.01 -21.54
CA THR D 20 6.58 41.69 -20.41
C THR D 20 5.80 40.98 -19.31
N ARG D 21 4.57 41.43 -19.06
CA ARG D 21 3.74 40.80 -18.03
C ARG D 21 3.47 39.33 -18.37
N ASP D 22 3.21 39.03 -19.65
CA ASP D 22 2.97 37.65 -20.04
C ASP D 22 4.26 36.83 -19.97
N LYS D 23 5.39 37.43 -20.32
CA LYS D 23 6.67 36.72 -20.28
C LYS D 23 7.07 36.41 -18.85
N ILE D 24 6.70 37.26 -17.89
CA ILE D 24 6.99 36.99 -16.48
C ILE D 24 6.27 35.71 -16.03
N GLN D 25 4.99 35.58 -16.40
CA GLN D 25 4.24 34.39 -16.04
C GLN D 25 4.78 33.15 -16.73
N SER D 26 5.30 33.29 -17.95
CA SER D 26 5.87 32.15 -18.66
C SER D 26 7.15 31.66 -17.99
N VAL D 27 8.05 32.59 -17.68
CA VAL D 27 9.31 32.21 -17.04
C VAL D 27 9.06 31.68 -15.64
N ALA D 28 8.12 32.28 -14.91
CA ALA D 28 7.84 31.84 -13.54
C ALA D 28 7.24 30.44 -13.53
N LEU D 29 6.33 30.14 -14.47
CA LEU D 29 5.72 28.82 -14.48
C LEU D 29 6.75 27.73 -14.77
N GLU D 30 7.70 28.02 -15.67
CA GLU D 30 8.77 27.06 -15.93
C GLU D 30 9.60 26.78 -14.69
N LEU D 31 9.91 27.83 -13.92
CA LEU D 31 10.71 27.64 -12.71
C LEU D 31 9.93 26.86 -11.66
N PHE D 32 8.63 27.15 -11.52
CA PHE D 32 7.81 26.43 -10.55
C PHE D 32 7.75 24.94 -10.88
N ILE D 33 7.74 24.58 -12.16
CA ILE D 33 7.71 23.18 -12.56
C ILE D 33 9.10 22.55 -12.42
N GLU D 34 10.14 23.29 -12.79
CA GLU D 34 11.50 22.74 -12.74
C GLU D 34 12.01 22.63 -11.31
N ARG D 35 12.08 23.76 -10.60
CA ARG D 35 12.65 23.79 -9.26
C ARG D 35 11.62 23.67 -8.15
N GLY D 36 10.39 24.11 -8.37
CA GLY D 36 9.39 24.12 -7.32
C GLY D 36 8.89 25.51 -7.03
N TYR D 37 7.66 25.62 -6.52
CA TYR D 37 7.07 26.92 -6.26
C TYR D 37 7.79 27.65 -5.14
N GLU D 38 7.95 26.98 -3.99
CA GLU D 38 8.60 27.64 -2.85
C GLU D 38 10.10 27.75 -3.04
N LYS D 39 10.71 26.82 -3.79
CA LYS D 39 12.14 26.89 -4.06
C LYS D 39 12.50 28.04 -4.99
N THR D 40 11.56 28.52 -5.80
CA THR D 40 11.82 29.61 -6.73
C THR D 40 11.65 30.96 -6.03
N SER D 41 12.66 31.81 -6.16
CA SER D 41 12.61 33.15 -5.60
C SER D 41 12.34 34.18 -6.68
N ARG D 43 14.10 36.69 -7.31
CA ARG D 43 15.35 36.99 -7.98
C ARG D 43 15.59 36.03 -9.14
N GLU D 44 15.29 34.75 -8.96
CA GLU D 44 15.44 33.78 -10.04
C GLU D 44 14.49 34.06 -11.19
N ILE D 45 13.29 34.57 -10.89
CA ILE D 45 12.36 34.95 -11.95
C ILE D 45 12.88 36.15 -12.72
N ALA D 46 13.39 37.15 -12.00
CA ALA D 46 13.92 38.35 -12.64
C ALA D 46 15.13 38.03 -13.51
N GLU D 47 16.04 37.19 -13.01
CA GLU D 47 17.22 36.82 -13.79
C GLU D 47 16.83 36.00 -15.02
N GLY D 48 15.75 35.23 -14.93
CA GLY D 48 15.27 34.48 -16.09
C GLY D 48 14.72 35.34 -17.19
N LEU D 49 14.29 36.57 -16.87
CA LEU D 49 13.82 37.53 -17.85
C LEU D 49 14.89 38.54 -18.26
N GLY D 50 16.04 38.54 -17.59
CA GLY D 50 17.03 39.56 -17.84
C GLY D 50 16.63 40.94 -17.40
N ILE D 51 15.73 41.06 -16.43
CA ILE D 51 15.28 42.35 -15.92
C ILE D 51 15.63 42.45 -14.44
N THR D 52 15.57 43.67 -13.93
CA THR D 52 15.81 43.90 -12.51
C THR D 52 14.58 43.49 -11.70
N LYS D 53 14.79 43.30 -10.39
CA LYS D 53 13.68 42.97 -9.51
C LYS D 53 12.69 44.13 -9.42
N ALA D 54 13.17 45.36 -9.55
CA ALA D 54 12.28 46.51 -9.57
C ALA D 54 11.35 46.47 -10.76
N ALA D 55 11.87 46.07 -11.94
CA ALA D 55 11.02 45.92 -13.11
C ALA D 55 10.04 44.77 -12.94
N LEU D 56 10.46 43.70 -12.25
CA LEU D 56 9.55 42.60 -11.96
C LEU D 56 8.50 43.02 -10.94
N TYR D 57 8.89 43.77 -9.91
CA TYR D 57 7.96 44.20 -8.88
C TYR D 57 6.92 45.17 -9.42
N TYR D 58 7.23 45.88 -10.51
CA TYR D 58 6.23 46.77 -11.11
C TYR D 58 5.00 46.00 -11.56
N HIS D 59 5.19 44.80 -12.12
CA HIS D 59 4.07 44.00 -12.58
C HIS D 59 3.45 43.20 -11.43
N PHE D 60 4.29 42.52 -10.64
CA PHE D 60 3.83 41.65 -9.57
C PHE D 60 4.59 41.98 -8.30
N LYS D 61 3.87 42.36 -7.25
CA LYS D 61 4.47 42.73 -5.97
C LYS D 61 4.88 41.52 -5.14
N ALA D 62 4.42 40.33 -5.48
CA ALA D 62 4.75 39.14 -4.71
C ALA D 62 4.62 37.92 -5.61
N LYS D 63 5.21 36.81 -5.17
CA LYS D 63 5.16 35.59 -5.96
C LYS D 63 3.74 35.04 -6.05
N GLU D 64 2.92 35.24 -5.03
CA GLU D 64 1.54 34.77 -5.06
C GLU D 64 0.74 35.47 -6.15
N GLU D 65 1.07 36.72 -6.46
CA GLU D 65 0.36 37.42 -7.54
C GLU D 65 0.63 36.80 -8.89
N ILE D 66 1.83 36.23 -9.09
CA ILE D 66 2.13 35.57 -10.35
C ILE D 66 1.34 34.27 -10.46
N LEU D 67 1.24 33.52 -9.36
CA LEU D 67 0.51 32.26 -9.41
C LEU D 67 -0.96 32.49 -9.72
N VAL D 68 -1.57 33.52 -9.13
CA VAL D 68 -2.97 33.83 -9.42
C VAL D 68 -3.14 34.22 -10.88
N ALA D 69 -2.23 35.03 -11.40
CA ALA D 69 -2.32 35.45 -12.80
C ALA D 69 -2.17 34.25 -13.75
N ILE D 70 -1.29 33.31 -13.40
CA ILE D 70 -1.15 32.10 -14.20
C ILE D 70 -2.42 31.25 -14.11
N SER D 71 -3.03 31.21 -12.92
CA SER D 71 -4.24 30.42 -12.73
C SER D 71 -5.42 31.03 -13.50
N GLN D 72 -5.49 32.35 -13.58
CA GLN D 72 -6.56 32.99 -14.34
C GLN D 72 -6.39 32.74 -15.84
N GLY D 73 -5.15 32.65 -16.31
CA GLY D 73 -4.92 32.39 -17.72
C GLY D 73 -5.20 30.96 -18.14
N LEU D 74 -4.77 29.99 -17.33
CA LEU D 74 -5.01 28.59 -17.65
C LEU D 74 -6.46 28.20 -17.46
N GLY D 75 -7.23 28.99 -16.72
CA GLY D 75 -8.64 28.69 -16.51
C GLY D 75 -9.53 29.32 -17.56
N GLY D 76 -8.94 29.66 -18.71
CA GLY D 76 -9.66 30.23 -19.82
C GLY D 76 -10.77 29.33 -20.33
N PRO D 77 -10.42 28.10 -20.74
CA PRO D 77 -11.46 27.16 -21.20
C PRO D 77 -12.60 26.95 -20.22
N VAL D 78 -12.33 27.03 -18.91
CA VAL D 78 -13.41 26.89 -17.93
C VAL D 78 -14.38 28.06 -18.04
N ASP D 79 -13.85 29.28 -18.15
CA ASP D 79 -14.71 30.45 -18.33
C ASP D 79 -15.47 30.38 -19.65
N GLU D 80 -14.89 29.73 -20.67
CA GLU D 80 -15.56 29.61 -21.95
C GLU D 80 -16.78 28.69 -21.85
N LEU D 81 -16.67 27.60 -21.09
CA LEU D 81 -17.79 26.68 -20.97
C LEU D 81 -18.88 27.22 -20.07
N VAL D 82 -18.54 28.09 -19.13
CA VAL D 82 -19.57 28.69 -18.27
C VAL D 82 -20.43 29.65 -19.08
N ALA D 83 -19.81 30.44 -19.96
CA ALA D 83 -20.58 31.36 -20.80
C ALA D 83 -21.49 30.61 -21.75
N TRP D 84 -21.04 29.45 -22.24
CA TRP D 84 -21.88 28.64 -23.11
C TRP D 84 -22.98 27.93 -22.34
N ALA D 85 -22.71 27.50 -21.11
CA ALA D 85 -23.70 26.78 -20.32
C ALA D 85 -24.86 27.66 -19.89
N ARG D 86 -24.67 28.98 -19.82
CA ARG D 86 -25.78 29.87 -19.52
C ARG D 86 -26.82 29.87 -20.64
N THR D 87 -26.37 29.64 -21.88
CA THR D 87 -27.29 29.64 -23.01
C THR D 87 -28.14 28.38 -23.04
N GLN D 88 -27.55 27.25 -22.65
CA GLN D 88 -28.23 25.97 -22.77
C GLN D 88 -29.36 25.85 -21.75
N PRO D 89 -30.41 25.09 -22.08
CA PRO D 89 -31.52 24.92 -21.14
C PRO D 89 -31.11 24.09 -19.93
N ARG D 90 -31.96 24.13 -18.91
CA ARG D 90 -31.69 23.42 -17.65
C ARG D 90 -32.18 21.97 -17.78
N THR D 91 -31.42 21.20 -18.55
CA THR D 91 -31.72 19.81 -18.82
C THR D 91 -30.63 18.92 -18.23
N LEU D 92 -31.00 17.66 -17.94
CA LEU D 92 -30.00 16.69 -17.50
C LEU D 92 -28.95 16.45 -18.57
N GLU D 93 -29.33 16.53 -19.84
CA GLU D 93 -28.35 16.42 -20.92
C GLU D 93 -27.37 17.59 -20.89
N THR D 94 -27.85 18.78 -20.51
CA THR D 94 -26.94 19.92 -20.40
C THR D 94 -25.90 19.67 -19.32
N LYS D 95 -26.32 19.13 -18.17
CA LYS D 95 -25.36 18.78 -17.13
C LYS D 95 -24.35 17.74 -17.58
N ARG D 96 -24.70 16.94 -18.60
CA ARG D 96 -23.77 15.95 -19.11
C ARG D 96 -22.68 16.61 -19.96
N GLU D 97 -23.07 17.57 -20.80
CA GLU D 97 -22.08 18.27 -21.62
C GLU D 97 -21.21 19.19 -20.79
N VAL D 98 -21.81 19.86 -19.79
CA VAL D 98 -21.02 20.71 -18.89
C VAL D 98 -19.97 19.88 -18.15
N LEU D 99 -20.35 18.67 -17.73
CA LEU D 99 -19.41 17.80 -17.03
C LEU D 99 -18.36 17.22 -17.97
N ARG D 100 -18.68 17.11 -19.27
CA ARG D 100 -17.70 16.66 -20.24
C ARG D 100 -16.74 17.79 -20.61
N ARG D 101 -17.24 19.00 -20.80
CA ARG D 101 -16.38 20.14 -21.11
C ARG D 101 -15.50 20.49 -19.93
N TYR D 102 -16.02 20.37 -18.70
CA TYR D 102 -15.24 20.67 -17.51
C TYR D 102 -14.03 19.75 -17.41
N SER D 103 -14.17 18.49 -17.81
CA SER D 103 -13.06 17.56 -17.73
C SER D 103 -11.93 17.97 -18.66
N GLU D 104 -12.26 18.38 -19.89
CA GLU D 104 -11.23 18.80 -20.83
C GLU D 104 -10.81 20.25 -20.64
N ALA D 105 -11.61 21.06 -19.94
CA ALA D 105 -11.18 22.42 -19.64
C ALA D 105 -10.11 22.44 -18.55
N LEU D 106 -10.10 21.44 -17.67
CA LEU D 106 -9.09 21.32 -16.63
C LEU D 106 -7.79 20.73 -17.15
N GLY D 108 -5.45 22.09 -19.29
CA GLY D 108 -4.37 23.06 -19.23
C GLY D 108 -3.94 23.44 -17.83
N ALA D 109 -4.76 23.15 -16.81
CA ALA D 109 -4.42 23.45 -15.43
C ALA D 109 -3.70 22.31 -14.73
N ALA D 110 -3.28 21.28 -15.48
CA ALA D 110 -2.60 20.15 -14.85
C ALA D 110 -1.32 20.52 -14.11
N PRO D 111 -0.43 21.38 -14.65
CA PRO D 111 0.75 21.74 -13.86
C PRO D 111 0.42 22.50 -12.58
N LEU D 112 -0.67 23.27 -12.56
CA LEU D 112 -1.05 23.95 -11.32
C LEU D 112 -1.47 22.96 -10.25
N PHE D 113 -2.26 21.94 -10.63
CA PHE D 113 -2.63 20.90 -9.67
C PHE D 113 -1.38 20.19 -9.14
N ARG D 114 -0.39 19.97 -10.01
CA ARG D 114 0.83 19.31 -9.58
C ARG D 114 1.63 20.20 -8.65
N ILE D 115 1.56 21.51 -8.84
CA ILE D 115 2.25 22.43 -7.95
C ILE D 115 1.58 22.47 -6.59
N GLN D 117 0.04 20.08 -5.16
CA GLN D 117 0.36 18.85 -4.45
C GLN D 117 1.72 18.93 -3.76
N GLU D 118 2.63 19.77 -4.27
CA GLU D 118 3.98 19.87 -3.74
C GLU D 118 4.15 21.01 -2.75
N SER D 119 3.39 22.09 -2.89
CA SER D 119 3.56 23.29 -2.08
C SER D 119 2.27 23.59 -1.32
N GLY D 120 2.37 23.64 0.01
CA GLY D 120 1.22 24.05 0.81
C GLY D 120 0.85 25.51 0.59
N ALA D 121 1.84 26.35 0.25
CA ALA D 121 1.56 27.75 -0.01
C ALA D 121 0.79 27.92 -1.32
N ALA D 122 1.12 27.11 -2.33
CA ALA D 122 0.36 27.14 -3.57
C ALA D 122 -1.05 26.63 -3.39
N LEU D 123 -1.25 25.70 -2.46
CA LEU D 123 -2.60 25.23 -2.13
C LEU D 123 -3.43 26.37 -1.56
N ARG D 124 -2.85 27.14 -0.64
CA ARG D 124 -3.57 28.26 -0.05
C ARG D 124 -3.85 29.36 -1.07
N THR D 125 -2.91 29.60 -1.98
CA THR D 125 -3.07 30.68 -2.94
C THR D 125 -4.20 30.38 -3.93
N LEU D 126 -4.14 29.22 -4.59
CA LEU D 126 -5.17 28.89 -5.57
C LEU D 126 -6.48 28.45 -4.91
N GLY D 127 -6.41 27.82 -3.74
CA GLY D 127 -7.60 27.39 -3.04
C GLY D 127 -8.04 28.34 -1.94
N ASN D 133 -12.72 28.64 -6.11
CA ASN D 133 -13.22 30.00 -5.93
C ASN D 133 -14.54 30.20 -6.68
N ASP D 134 -14.62 31.29 -7.45
CA ASP D 134 -15.85 31.60 -8.18
C ASP D 134 -16.08 30.69 -9.38
N ARG D 135 -15.02 30.11 -9.92
CA ARG D 135 -15.17 29.28 -11.11
C ARG D 135 -15.92 27.99 -10.79
N ILE D 136 -15.47 27.25 -9.77
CA ILE D 136 -16.16 26.02 -9.41
C ILE D 136 -17.53 26.33 -8.82
N ALA D 137 -17.70 27.51 -8.21
CA ALA D 137 -19.00 27.89 -7.70
C ALA D 137 -19.97 28.23 -8.83
N ALA D 138 -19.44 28.79 -9.93
CA ALA D 138 -20.32 29.11 -11.06
C ALA D 138 -20.82 27.84 -11.75
N ILE D 139 -19.97 26.81 -11.83
CA ILE D 139 -20.39 25.54 -12.42
C ILE D 139 -21.39 24.84 -11.49
N GLY D 140 -21.23 25.00 -10.18
CA GLY D 140 -22.19 24.41 -9.26
C GLY D 140 -23.59 24.97 -9.42
N GLU D 141 -23.70 26.26 -9.79
CA GLU D 141 -25.00 26.84 -10.03
C GLU D 141 -25.74 26.14 -11.17
N LEU D 142 -24.99 25.69 -12.18
CA LEU D 142 -25.60 25.02 -13.32
C LEU D 142 -25.99 23.59 -12.96
N TYR D 144 -26.54 22.29 -9.49
CA TYR D 144 -27.37 22.13 -8.30
C TYR D 144 -28.83 22.38 -8.63
N GLN D 145 -29.69 21.48 -8.16
CA GLN D 145 -31.15 21.61 -8.27
C GLN D 145 -31.71 21.67 -6.86
N ASP D 146 -32.16 22.86 -6.44
CA ASP D 146 -32.57 23.06 -5.07
C ASP D 146 -33.81 22.23 -4.72
N GLY D 147 -34.65 21.93 -5.71
CA GLY D 147 -35.85 21.15 -5.48
C GLY D 147 -35.68 19.65 -5.54
N ALA D 148 -34.53 19.18 -5.98
CA ALA D 148 -34.30 17.74 -6.06
C ALA D 148 -34.17 17.14 -4.66
N SER D 149 -34.27 15.82 -4.60
CA SER D 149 -34.15 15.12 -3.32
C SER D 149 -32.71 15.14 -2.84
N VAL D 150 -32.53 14.76 -1.57
CA VAL D 150 -31.20 14.73 -0.98
C VAL D 150 -30.33 13.70 -1.68
N ARG D 151 -30.90 12.54 -2.00
CA ARG D 151 -30.15 11.52 -2.74
C ARG D 151 -29.75 12.02 -4.11
N SER D 152 -30.66 12.69 -4.81
CA SER D 152 -30.36 13.17 -6.16
C SER D 152 -29.39 14.35 -6.11
N GLN D 153 -29.51 15.21 -5.10
CA GLN D 153 -28.65 16.38 -5.02
C GLN D 153 -27.22 15.99 -4.68
N VAL D 154 -27.04 14.98 -3.83
CA VAL D 154 -25.70 14.55 -3.45
C VAL D 154 -25.00 13.87 -4.62
N ARG D 155 -25.72 13.07 -5.40
CA ARG D 155 -25.11 12.38 -6.53
C ARG D 155 -24.73 13.35 -7.63
N ILE D 156 -25.43 14.48 -7.77
CA ILE D 156 -25.01 15.50 -8.72
C ILE D 156 -23.69 16.12 -8.28
N SER D 157 -23.57 16.46 -6.99
CA SER D 157 -22.33 17.01 -6.49
C SER D 157 -21.21 15.99 -6.51
N ASP D 158 -21.54 14.70 -6.33
CA ASP D 158 -20.53 13.66 -6.39
C ASP D 158 -19.93 13.56 -7.80
N ALA D 159 -20.77 13.69 -8.82
CA ALA D 159 -20.27 13.68 -10.19
C ALA D 159 -19.41 14.90 -10.49
N LEU D 160 -19.73 16.05 -9.87
CA LEU D 160 -18.93 17.25 -10.09
C LEU D 160 -17.57 17.12 -9.42
N ALA D 161 -17.55 16.72 -8.15
CA ALA D 161 -16.30 16.64 -7.41
C ALA D 161 -15.39 15.55 -7.95
N SER D 162 -15.96 14.51 -8.56
CA SER D 162 -15.12 13.44 -9.12
C SER D 162 -14.24 13.97 -10.24
N VAL D 163 -14.74 14.92 -11.02
CA VAL D 163 -13.95 15.54 -12.07
C VAL D 163 -13.11 16.69 -11.52
N HIS D 164 -13.64 17.44 -10.56
CA HIS D 164 -12.93 18.60 -10.03
C HIS D 164 -11.64 18.18 -9.34
N PHE D 165 -11.74 17.37 -8.30
CA PHE D 165 -10.57 16.88 -7.58
C PHE D 165 -9.90 15.71 -8.28
N GLY D 166 -10.22 15.46 -9.55
CA GLY D 166 -9.71 14.27 -10.22
C GLY D 166 -8.20 14.29 -10.40
N ALA D 167 -7.64 15.46 -10.70
CA ALA D 167 -6.21 15.56 -10.95
C ALA D 167 -5.38 15.20 -9.72
N PHE D 168 -5.98 15.22 -8.53
CA PHE D 168 -5.22 14.91 -7.32
C PHE D 168 -4.96 13.42 -7.20
N PHE D 169 -6.01 12.61 -7.15
CA PHE D 169 -5.84 11.18 -6.94
C PHE D 169 -5.47 10.43 -8.21
N LEU D 170 -5.63 11.03 -9.38
CA LEU D 170 -5.24 10.39 -10.63
C LEU D 170 -3.74 10.49 -10.90
N SER D 171 -3.02 11.32 -10.15
CA SER D 171 -1.57 11.45 -10.35
C SER D 171 -0.82 10.23 -9.82
N ALA D 172 -1.39 9.53 -8.84
CA ALA D 172 -0.75 8.34 -8.29
C ALA D 172 -1.01 7.09 -9.14
N ILE D 173 -2.09 7.08 -9.91
CA ILE D 173 -2.44 5.92 -10.74
C ILE D 173 -1.56 5.91 -11.97
N GLU D 174 -1.04 4.73 -12.33
CA GLU D 174 -0.22 4.60 -13.52
C GLU D 174 -1.07 4.51 -14.77
N GLY D 175 -0.55 5.04 -15.88
CA GLY D 175 -1.24 4.99 -17.15
C GLY D 175 -1.27 6.30 -17.91
N ASP D 176 -1.84 6.28 -19.12
CA ASP D 176 -1.95 7.47 -19.94
C ASP D 176 -2.81 8.51 -19.22
N PRO D 177 -2.31 9.73 -19.02
CA PRO D 177 -3.15 10.76 -18.38
C PRO D 177 -4.47 11.01 -19.10
N GLU D 178 -4.49 10.91 -20.43
CA GLU D 178 -5.74 11.05 -21.15
C GLU D 178 -6.64 9.85 -20.91
N GLU D 179 -6.07 8.64 -20.92
CA GLU D 179 -6.86 7.44 -20.67
C GLU D 179 -7.45 7.46 -19.27
N LYS D 180 -6.70 7.96 -18.29
CA LYS D 180 -7.24 8.07 -16.93
C LYS D 180 -8.32 9.14 -16.85
N ARG D 181 -8.13 10.26 -17.55
CA ARG D 181 -9.17 11.29 -17.57
C ARG D 181 -10.44 10.77 -18.23
N LYS D 182 -10.30 10.04 -19.33
CA LYS D 182 -11.46 9.45 -19.99
C LYS D 182 -12.18 8.49 -19.06
N ALA D 183 -11.43 7.60 -18.39
CA ALA D 183 -12.05 6.64 -17.50
C ALA D 183 -12.73 7.30 -16.31
N LEU D 184 -12.13 8.40 -15.81
CA LEU D 184 -12.75 9.12 -14.69
C LEU D 184 -14.01 9.85 -15.14
N LEU D 185 -13.95 10.49 -16.32
CA LEU D 185 -15.14 11.17 -16.84
C LEU D 185 -16.27 10.19 -17.08
N GLU D 186 -15.96 8.98 -17.54
CA GLU D 186 -16.99 7.97 -17.75
C GLU D 186 -17.64 7.58 -16.43
N SER D 187 -16.84 7.42 -15.37
CA SER D 187 -17.41 7.08 -14.07
C SER D 187 -18.21 8.23 -13.48
N ALA D 188 -17.81 9.47 -13.74
CA ALA D 188 -18.54 10.61 -13.21
C ALA D 188 -19.89 10.77 -13.89
N LEU D 189 -19.94 10.52 -15.21
CA LEU D 189 -21.21 10.62 -15.92
C LEU D 189 -22.19 9.54 -15.48
N GLU D 190 -21.69 8.35 -15.12
CA GLU D 190 -22.57 7.31 -14.59
C GLU D 190 -23.19 7.73 -13.26
N THR D 191 -22.38 8.33 -12.38
CA THR D 191 -22.92 8.86 -11.13
C THR D 191 -23.90 9.99 -11.40
N LEU D 192 -23.61 10.83 -12.40
CA LEU D 192 -24.55 11.89 -12.77
C LEU D 192 -25.87 11.31 -13.27
N ASP D 193 -25.81 10.18 -13.98
CA ASP D 193 -27.04 9.54 -14.47
C ASP D 193 -27.88 9.00 -13.32
N SER D 194 -27.24 8.53 -12.25
CA SER D 194 -27.96 7.94 -11.13
C SER D 194 -28.79 8.97 -10.37
N SER D 195 -28.59 10.26 -10.60
CA SER D 195 -29.36 11.28 -9.89
C SER D 195 -30.84 11.23 -10.27
N ALA D 196 -31.15 10.82 -11.49
CA ALA D 196 -32.54 10.71 -11.93
C ALA D 196 -33.16 9.40 -11.46
#